data_3PWJ
#
_entry.id   3PWJ
#
_cell.length_a   50.180
_cell.length_b   62.853
_cell.length_c   74.698
_cell.angle_alpha   81.980
_cell.angle_beta   76.200
_cell.angle_gamma   78.110
#
_symmetry.space_group_name_H-M   'P 1'
#
loop_
_entity.id
_entity.type
_entity.pdbx_description
1 polymer 'HLA class I histocompatibility antigen, A-2 alpha chain'
2 polymer Beta-2-microglobulin
3 polymer 'HuD (G2L,I9V) peptide'
4 non-polymer GLYCEROL
5 water water
#
loop_
_entity_poly.entity_id
_entity_poly.type
_entity_poly.pdbx_seq_one_letter_code
_entity_poly.pdbx_strand_id
1 'polypeptide(L)'
;GSHSMRYFFTSVSRPGRGEPRFIAVGYVDDTQFVRFDSDAASQRMEPRAPWIEQEGPEYWDGETRKVKAHSQTHRVDLGT
LRGYYNQSEAGSHTVQRMYGCDVGSDWRFLRGYHQYAYDGKDYIALKEDLRSWTAADMAAQTTKHKWEAAHVAEQLRAYL
EGTCVEWLRRYLENGKETLQRTDAPKTHMTHHAVSDHEATLRCWALSFYPAEITLTWQRDGEDQTQDTELVETRPAGDGT
FQKWAAVVVPSGQEQRYTCHVQHEGLPKPLTLRWE
;
A,D
2 'polypeptide(L)'
;MIQRTPKIQVYSRHPAENGKSNFLNCYVSGFHPSDIEVDLLKNGERIEKVEHSDLSFSKDWSFYLLYYTEFTPTEKDEYA
CRVNHVTLSQPKIVKWDRDM
;
B,E
3 'polypeptide(L)' LLYGFVNYV C,F
#
loop_
_chem_comp.id
_chem_comp.type
_chem_comp.name
_chem_comp.formula
GOL non-polymer GLYCEROL 'C3 H8 O3'
#
# COMPACT_ATOMS: atom_id res chain seq x y z
N GLY A 1 5.80 1.40 -3.49
CA GLY A 1 5.88 1.93 -4.87
C GLY A 1 7.36 2.28 -5.19
N SER A 2 7.56 3.13 -6.18
CA SER A 2 8.86 3.63 -6.65
C SER A 2 9.52 4.67 -5.70
N HIS A 3 10.86 4.74 -5.66
CA HIS A 3 11.56 5.70 -4.77
C HIS A 3 12.80 6.28 -5.43
N SER A 4 13.30 7.40 -4.88
CA SER A 4 14.50 8.01 -5.42
C SER A 4 15.33 8.54 -4.30
N MET A 5 16.64 8.67 -4.56
CA MET A 5 17.54 9.43 -3.66
C MET A 5 18.23 10.45 -4.51
N ARG A 6 18.32 11.70 -4.07
CA ARG A 6 18.91 12.73 -4.93
C ARG A 6 19.76 13.65 -4.06
N TYR A 7 20.93 14.05 -4.57
CA TYR A 7 21.69 15.06 -3.85
C TYR A 7 21.77 16.30 -4.75
N PHE A 8 21.71 17.48 -4.13
CA PHE A 8 21.68 18.75 -4.89
C PHE A 8 22.76 19.61 -4.33
N PHE A 9 23.61 20.16 -5.19
CA PHE A 9 24.75 21.00 -4.73
C PHE A 9 24.69 22.34 -5.45
N THR A 10 24.90 23.45 -4.73
CA THR A 10 24.93 24.78 -5.34
C THR A 10 26.20 25.44 -4.84
N SER A 11 27.04 25.96 -5.75
CA SER A 11 28.17 26.78 -5.34
C SER A 11 28.04 28.13 -6.01
N VAL A 12 28.26 29.20 -5.25
CA VAL A 12 28.12 30.57 -5.77
C VAL A 12 29.35 31.38 -5.43
N SER A 13 30.05 31.91 -6.44
CA SER A 13 31.20 32.73 -6.17
C SER A 13 30.78 34.12 -5.66
N ARG A 14 31.64 34.65 -4.81
CA ARG A 14 31.45 35.91 -4.11
C ARG A 14 32.71 36.74 -4.19
N PRO A 15 33.10 37.21 -5.40
CA PRO A 15 34.36 37.95 -5.61
C PRO A 15 34.50 39.13 -4.68
N GLY A 16 35.62 39.18 -3.97
CA GLY A 16 35.87 40.23 -2.96
C GLY A 16 35.21 40.02 -1.61
N ARG A 17 34.46 38.94 -1.46
CA ARG A 17 33.79 38.67 -0.21
C ARG A 17 34.17 37.26 0.24
N GLY A 18 35.40 36.85 -0.07
CA GLY A 18 35.92 35.53 0.36
C GLY A 18 35.47 34.31 -0.47
N GLU A 19 35.46 33.14 0.18
CA GLU A 19 35.24 31.83 -0.45
C GLU A 19 33.87 31.73 -1.10
N PRO A 20 33.71 30.88 -2.13
CA PRO A 20 32.34 30.68 -2.61
C PRO A 20 31.39 30.02 -1.56
N ARG A 21 30.11 30.33 -1.62
CA ARG A 21 29.10 29.71 -0.76
C ARG A 21 28.82 28.35 -1.33
N PHE A 22 28.79 27.31 -0.51
CA PHE A 22 28.49 25.99 -1.03
C PHE A 22 27.41 25.40 -0.12
N ILE A 23 26.32 24.93 -0.71
CA ILE A 23 25.22 24.31 0.00
C ILE A 23 24.94 22.95 -0.62
N ALA A 24 24.83 21.89 0.21
CA ALA A 24 24.48 20.59 -0.27
C ALA A 24 23.25 20.14 0.50
N VAL A 25 22.28 19.56 -0.21
CA VAL A 25 21.12 18.91 0.45
C VAL A 25 20.88 17.53 -0.15
N GLY A 26 20.43 16.58 0.68
CA GLY A 26 20.04 15.28 0.14
C GLY A 26 18.57 14.98 0.44
N TYR A 27 17.90 14.29 -0.50
CA TYR A 27 16.49 13.92 -0.31
C TYR A 27 16.28 12.43 -0.55
N VAL A 28 15.34 11.81 0.17
CA VAL A 28 14.80 10.51 -0.29
C VAL A 28 13.36 10.87 -0.64
N ASP A 29 12.94 10.60 -1.88
CA ASP A 29 11.63 11.05 -2.39
C ASP A 29 11.47 12.54 -2.12
N ASP A 30 10.39 12.97 -1.48
CA ASP A 30 10.22 14.39 -1.20
C ASP A 30 10.59 14.77 0.24
N THR A 31 11.44 13.97 0.88
CA THR A 31 11.80 14.23 2.27
C THR A 31 13.31 14.58 2.35
N GLN A 32 13.63 15.81 2.74
CA GLN A 32 15.06 16.15 2.94
C GLN A 32 15.61 15.39 4.11
N PHE A 33 16.85 14.89 4.03
CA PHE A 33 17.41 14.20 5.22
C PHE A 33 18.79 14.71 5.68
N VAL A 34 19.53 15.41 4.82
CA VAL A 34 20.83 15.98 5.27
C VAL A 34 21.07 17.34 4.64
N ARG A 35 21.94 18.12 5.26
CA ARG A 35 22.41 19.40 4.66
C ARG A 35 23.84 19.69 5.02
N PHE A 36 24.52 20.47 4.18
CA PHE A 36 25.79 21.07 4.57
C PHE A 36 25.74 22.51 4.06
N ASP A 37 26.24 23.44 4.86
CA ASP A 37 26.37 24.81 4.40
C ASP A 37 27.74 25.33 4.78
N SER A 38 28.50 25.73 3.77
CA SER A 38 29.87 26.23 3.94
C SER A 38 30.00 27.44 4.89
N ASP A 39 28.93 28.23 5.01
CA ASP A 39 28.97 29.45 5.77
C ASP A 39 28.62 29.21 7.21
N ALA A 40 28.00 28.07 7.50
CA ALA A 40 27.54 27.77 8.84
C ALA A 40 28.66 27.35 9.78
N ALA A 41 28.35 27.34 11.06
CA ALA A 41 29.34 27.23 12.09
C ALA A 41 29.92 25.83 12.26
N SER A 42 29.10 24.80 12.10
CA SER A 42 29.56 23.44 12.47
C SER A 42 30.61 22.87 11.52
N GLN A 43 30.52 23.22 10.23
CA GLN A 43 31.33 22.61 9.14
C GLN A 43 31.12 21.08 9.06
N ARG A 44 29.90 20.64 9.32
CA ARG A 44 29.58 19.20 9.35
C ARG A 44 28.38 18.99 8.46
N MET A 45 28.29 17.83 7.84
CA MET A 45 27.00 17.37 7.34
C MET A 45 26.06 17.17 8.53
N GLU A 46 24.79 17.59 8.38
CA GLU A 46 23.84 17.63 9.52
C GLU A 46 22.52 16.95 9.17
N PRO A 47 21.91 16.28 10.16
CA PRO A 47 20.69 15.56 9.89
C PRO A 47 19.54 16.53 9.73
N ARG A 48 18.58 16.19 8.86
CA ARG A 48 17.37 17.01 8.69
C ARG A 48 16.07 16.18 8.69
N ALA A 49 16.18 14.87 8.94
CA ALA A 49 15.01 14.01 9.10
C ALA A 49 15.32 13.15 10.29
N PRO A 50 14.29 12.81 11.09
CA PRO A 50 14.60 12.07 12.32
C PRO A 50 15.22 10.68 12.15
N TRP A 51 14.91 9.94 11.08
CA TRP A 51 15.42 8.58 10.92
C TRP A 51 16.93 8.51 10.65
N ILE A 52 17.50 9.54 10.05
CA ILE A 52 18.94 9.55 9.81
C ILE A 52 19.76 9.94 11.07
N GLU A 53 19.10 10.45 12.11
CA GLU A 53 19.79 10.83 13.33
C GLU A 53 20.41 9.61 14.02
N GLN A 54 19.89 8.41 13.77
CA GLN A 54 20.48 7.24 14.42
C GLN A 54 21.70 6.64 13.74
N GLU A 55 22.14 7.21 12.60
CA GLU A 55 23.29 6.68 11.87
C GLU A 55 24.61 6.67 12.63
N GLY A 56 24.92 7.65 13.43
CA GLY A 56 26.19 7.37 14.23
C GLY A 56 27.48 7.93 13.60
N PRO A 57 28.52 8.07 14.41
CA PRO A 57 29.61 9.01 14.03
C PRO A 57 30.45 8.62 12.83
N GLU A 58 30.60 7.33 12.53
CA GLU A 58 31.30 6.99 11.29
CA GLU A 58 31.28 6.96 11.28
C GLU A 58 30.56 7.55 10.06
N TYR A 59 29.22 7.45 10.04
CA TYR A 59 28.42 8.02 8.96
C TYR A 59 28.61 9.53 8.87
N TRP A 60 28.48 10.22 10.00
CA TRP A 60 28.53 11.70 9.98
C TRP A 60 29.92 12.20 9.66
N ASP A 61 30.95 11.51 10.17
CA ASP A 61 32.33 11.94 9.88
C ASP A 61 32.60 11.72 8.39
N GLY A 62 32.18 10.57 7.87
CA GLY A 62 32.45 10.25 6.49
C GLY A 62 31.69 11.12 5.46
N GLU A 63 30.42 11.38 5.72
CA GLU A 63 29.64 12.29 4.87
C GLU A 63 30.18 13.72 4.98
N THR A 64 30.68 14.12 6.16
CA THR A 64 31.33 15.43 6.33
C THR A 64 32.60 15.50 5.49
N ARG A 65 33.45 14.49 5.61
CA ARG A 65 34.66 14.41 4.78
CA ARG A 65 34.66 14.40 4.78
C ARG A 65 34.34 14.50 3.27
N LYS A 66 33.35 13.73 2.79
CA LYS A 66 33.02 13.75 1.36
C LYS A 66 32.40 15.07 0.89
N VAL A 67 31.50 15.65 1.70
CA VAL A 67 30.84 16.88 1.30
C VAL A 67 31.83 18.05 1.27
N LYS A 68 32.79 18.07 2.19
CA LYS A 68 33.83 19.09 2.16
C LYS A 68 34.68 18.92 0.92
N ALA A 69 34.92 17.67 0.49
CA ALA A 69 35.67 17.42 -0.74
C ALA A 69 34.89 17.87 -1.99
N HIS A 70 33.57 17.68 -1.98
CA HIS A 70 32.69 18.20 -3.07
C HIS A 70 32.81 19.75 -3.03
N SER A 71 32.79 20.34 -1.84
CA SER A 71 32.88 21.81 -1.74
C SER A 71 34.16 22.35 -2.41
N GLN A 72 35.28 21.71 -2.10
CA GLN A 72 36.54 22.10 -2.72
C GLN A 72 36.53 21.96 -4.24
N THR A 73 35.94 20.88 -4.77
CA THR A 73 36.03 20.71 -6.22
C THR A 73 35.16 21.73 -6.94
N HIS A 74 34.03 22.09 -6.34
CA HIS A 74 33.16 23.12 -6.92
C HIS A 74 33.78 24.52 -6.84
N ARG A 75 34.56 24.78 -5.80
CA ARG A 75 35.35 26.03 -5.67
C ARG A 75 36.34 26.14 -6.84
N VAL A 76 37.05 25.05 -7.10
CA VAL A 76 37.97 24.99 -8.24
C VAL A 76 37.19 25.15 -9.57
N ASP A 77 36.06 24.46 -9.70
CA ASP A 77 35.25 24.58 -10.91
C ASP A 77 34.84 26.01 -11.26
N LEU A 78 34.41 26.79 -10.26
CA LEU A 78 34.08 28.23 -10.49
C LEU A 78 35.22 28.97 -11.19
N GLY A 79 36.46 28.74 -10.76
CA GLY A 79 37.64 29.30 -11.42
C GLY A 79 37.82 28.80 -12.83
N THR A 80 37.65 27.48 -13.02
CA THR A 80 37.83 26.83 -14.31
C THR A 80 36.86 27.34 -15.37
N LEU A 81 35.57 27.41 -14.99
CA LEU A 81 34.47 27.86 -15.85
C LEU A 81 34.58 29.34 -16.23
N ARG A 82 35.04 30.19 -15.30
CA ARG A 82 35.24 31.62 -15.58
C ARG A 82 36.31 31.72 -16.68
N GLY A 83 37.31 30.86 -16.59
CA GLY A 83 38.32 30.74 -17.65
C GLY A 83 37.78 30.21 -18.97
N TYR A 84 37.00 29.13 -18.95
CA TYR A 84 36.44 28.59 -20.21
C TYR A 84 35.57 29.61 -20.98
N TYR A 85 34.77 30.39 -20.25
CA TYR A 85 33.90 31.38 -20.86
C TYR A 85 34.49 32.80 -20.95
N ASN A 86 35.76 32.94 -20.60
CA ASN A 86 36.51 34.23 -20.62
C ASN A 86 35.74 35.35 -19.91
N GLN A 87 35.30 35.06 -18.70
CA GLN A 87 34.48 36.01 -17.94
C GLN A 87 35.36 36.75 -16.97
N SER A 88 34.96 37.96 -16.55
CA SER A 88 35.85 38.71 -15.66
C SER A 88 35.81 38.15 -14.23
N GLU A 89 36.81 38.55 -13.45
CA GLU A 89 36.96 38.08 -12.08
C GLU A 89 35.92 38.72 -11.14
N ALA A 90 35.21 39.73 -11.62
CA ALA A 90 34.34 40.56 -10.80
C ALA A 90 32.96 39.95 -10.51
N GLY A 91 32.37 39.24 -11.47
CA GLY A 91 30.99 38.79 -11.33
C GLY A 91 30.81 37.52 -10.53
N SER A 92 29.64 37.41 -9.87
CA SER A 92 29.21 36.18 -9.22
C SER A 92 28.62 35.18 -10.22
N HIS A 93 28.96 33.90 -10.07
CA HIS A 93 28.46 32.88 -10.94
C HIS A 93 28.04 31.72 -10.09
N THR A 94 27.31 30.78 -10.70
CA THR A 94 26.68 29.69 -9.98
C THR A 94 27.00 28.39 -10.70
N VAL A 95 27.38 27.39 -9.91
CA VAL A 95 27.46 26.04 -10.39
C VAL A 95 26.42 25.20 -9.65
N GLN A 96 25.69 24.32 -10.37
CA GLN A 96 24.80 23.40 -9.72
C GLN A 96 25.07 21.99 -10.19
N ARG A 97 24.91 21.03 -9.27
CA ARG A 97 25.14 19.64 -9.64
C ARG A 97 24.03 18.85 -8.98
N MET A 98 23.45 17.88 -9.69
CA MET A 98 22.45 17.03 -9.04
C MET A 98 22.79 15.62 -9.43
N TYR A 99 22.71 14.68 -8.50
CA TYR A 99 22.86 13.28 -8.91
C TYR A 99 22.02 12.38 -8.03
N GLY A 100 21.77 11.15 -8.49
CA GLY A 100 21.03 10.20 -7.65
C GLY A 100 20.47 9.05 -8.47
N CYS A 101 19.57 8.26 -7.88
CA CYS A 101 19.16 7.01 -8.49
C CYS A 101 17.70 6.82 -8.18
N ASP A 102 16.98 6.12 -9.07
CA ASP A 102 15.61 5.73 -8.81
C ASP A 102 15.55 4.21 -8.73
N VAL A 103 14.67 3.69 -7.87
CA VAL A 103 14.31 2.25 -7.90
C VAL A 103 12.82 2.15 -8.20
N GLY A 104 12.44 1.03 -8.82
CA GLY A 104 11.08 0.80 -9.23
C GLY A 104 10.33 0.25 -8.04
N SER A 105 9.10 -0.15 -8.27
CA SER A 105 8.28 -0.64 -7.21
C SER A 105 8.73 -2.03 -6.69
N ASP A 106 9.64 -2.67 -7.41
CA ASP A 106 10.34 -3.87 -6.93
C ASP A 106 11.61 -3.56 -6.13
N TRP A 107 11.86 -2.26 -5.90
CA TRP A 107 13.06 -1.71 -5.24
C TRP A 107 14.37 -2.01 -5.99
N ARG A 108 14.27 -2.38 -7.27
CA ARG A 108 15.48 -2.57 -8.07
C ARG A 108 15.86 -1.34 -8.83
N PHE A 109 17.18 -1.20 -9.07
CA PHE A 109 17.69 -0.06 -9.84
C PHE A 109 16.88 0.11 -11.13
N LEU A 110 16.45 1.35 -11.35
CA LEU A 110 15.66 1.72 -12.51
C LEU A 110 16.42 2.75 -13.38
N ARG A 111 16.96 3.80 -12.79
CA ARG A 111 17.52 4.92 -13.55
C ARG A 111 18.58 5.60 -12.67
N GLY A 112 19.62 6.16 -13.28
CA GLY A 112 20.54 6.98 -12.49
C GLY A 112 20.72 8.28 -13.25
N TYR A 113 21.19 9.30 -12.55
CA TYR A 113 21.27 10.69 -13.06
C TYR A 113 22.53 11.36 -12.54
N HIS A 114 23.14 12.23 -13.34
CA HIS A 114 24.20 13.08 -12.83
C HIS A 114 24.27 14.22 -13.85
N GLN A 115 23.86 15.39 -13.41
CA GLN A 115 23.96 16.53 -14.29
C GLN A 115 24.50 17.77 -13.62
N TYR A 116 24.93 18.71 -14.45
CA TYR A 116 25.68 19.86 -13.96
C TYR A 116 25.23 21.05 -14.78
N ALA A 117 25.08 22.20 -14.12
CA ALA A 117 24.67 23.47 -14.76
C ALA A 117 25.61 24.57 -14.43
N TYR A 118 25.81 25.52 -15.36
CA TYR A 118 26.59 26.70 -15.01
C TYR A 118 25.68 27.92 -15.28
N ASP A 119 25.53 28.78 -14.29
CA ASP A 119 24.70 29.99 -14.43
C ASP A 119 23.27 29.67 -14.90
N GLY A 120 22.72 28.59 -14.35
CA GLY A 120 21.33 28.27 -14.62
C GLY A 120 20.99 27.52 -15.89
N LYS A 121 22.02 27.21 -16.69
CA LYS A 121 21.85 26.48 -17.97
C LYS A 121 22.56 25.15 -17.87
N ASP A 122 21.99 24.14 -18.49
CA ASP A 122 22.64 22.84 -18.69
C ASP A 122 24.11 23.03 -19.13
N TYR A 123 25.00 22.26 -18.54
CA TYR A 123 26.40 22.39 -18.88
C TYR A 123 26.79 20.99 -19.40
N ILE A 124 26.77 20.01 -18.52
CA ILE A 124 27.05 18.63 -18.96
C ILE A 124 26.17 17.65 -18.22
N ALA A 125 25.70 16.59 -18.89
CA ALA A 125 24.91 15.58 -18.19
C ALA A 125 25.29 14.17 -18.61
N LEU A 126 25.18 13.23 -17.68
CA LEU A 126 25.40 11.82 -17.96
C LEU A 126 24.16 11.32 -18.68
N LYS A 127 24.33 10.63 -19.79
CA LYS A 127 23.17 10.05 -20.49
C LYS A 127 22.58 8.89 -19.71
N GLU A 128 21.39 8.49 -20.13
CA GLU A 128 20.64 7.43 -19.46
C GLU A 128 21.34 6.07 -19.43
N ASP A 129 22.18 5.80 -20.43
CA ASP A 129 23.00 4.59 -20.46
C ASP A 129 24.14 4.51 -19.42
N LEU A 130 24.43 5.66 -18.81
CA LEU A 130 25.45 5.89 -17.80
C LEU A 130 26.85 5.63 -18.35
N ARG A 131 27.01 5.78 -19.67
CA ARG A 131 28.25 5.48 -20.37
C ARG A 131 28.77 6.66 -21.19
N SER A 132 27.93 7.67 -21.40
CA SER A 132 28.29 8.75 -22.31
C SER A 132 27.73 10.06 -21.80
N TRP A 133 28.15 11.16 -22.42
CA TRP A 133 27.83 12.49 -21.89
C TRP A 133 27.14 13.35 -22.95
N THR A 134 26.26 14.24 -22.48
CA THR A 134 25.72 15.27 -23.35
C THR A 134 26.28 16.63 -22.91
N ALA A 135 26.97 17.30 -23.83
CA ALA A 135 27.63 18.54 -23.52
C ALA A 135 26.89 19.62 -24.24
N ALA A 136 26.57 20.68 -23.53
CA ALA A 136 25.69 21.68 -24.09
C ALA A 136 26.50 22.64 -25.00
N ASP A 137 27.60 23.15 -24.48
CA ASP A 137 28.34 24.26 -25.07
C ASP A 137 29.60 23.79 -25.74
N MET A 138 30.25 24.67 -26.50
CA MET A 138 31.63 24.45 -26.90
C MET A 138 32.53 24.32 -25.67
N ALA A 139 32.35 25.19 -24.68
CA ALA A 139 33.10 25.08 -23.43
C ALA A 139 32.91 23.76 -22.67
N ALA A 140 31.70 23.21 -22.66
CA ALA A 140 31.46 21.91 -22.03
C ALA A 140 32.09 20.71 -22.72
N GLN A 141 32.48 20.89 -23.99
CA GLN A 141 33.17 19.82 -24.70
C GLN A 141 34.49 19.48 -24.09
N THR A 142 35.15 20.49 -23.56
CA THR A 142 36.45 20.34 -22.92
C THR A 142 36.27 19.45 -21.70
N THR A 143 35.25 19.75 -20.91
CA THR A 143 34.89 18.93 -19.79
C THR A 143 34.50 17.52 -20.20
N LYS A 144 33.68 17.41 -21.24
CA LYS A 144 33.30 16.08 -21.77
C LYS A 144 34.51 15.22 -22.16
N HIS A 145 35.45 15.81 -22.89
CA HIS A 145 36.65 15.09 -23.30
C HIS A 145 37.53 14.68 -22.12
N LYS A 146 37.71 15.62 -21.18
CA LYS A 146 38.46 15.30 -19.93
C LYS A 146 37.83 14.18 -19.13
N TRP A 147 36.51 14.15 -19.07
CA TRP A 147 35.83 13.15 -18.27
C TRP A 147 35.77 11.81 -19.00
N GLU A 148 35.78 11.85 -20.33
CA GLU A 148 35.87 10.62 -21.09
C GLU A 148 37.25 10.01 -20.88
N ALA A 149 38.29 10.84 -20.91
CA ALA A 149 39.65 10.33 -20.77
C ALA A 149 39.99 9.76 -19.40
N ALA A 150 39.36 10.28 -18.37
CA ALA A 150 39.55 9.83 -16.98
C ALA A 150 38.52 8.79 -16.56
N HIS A 151 37.70 8.33 -17.51
CA HIS A 151 36.69 7.28 -17.26
C HIS A 151 35.77 7.59 -16.04
N VAL A 152 35.31 8.82 -16.00
CA VAL A 152 34.42 9.30 -14.93
C VAL A 152 33.06 8.61 -14.96
N ALA A 153 32.52 8.38 -16.17
CA ALA A 153 31.22 7.69 -16.33
C ALA A 153 31.18 6.33 -15.66
N GLU A 154 32.28 5.58 -15.83
CA GLU A 154 32.43 4.23 -15.25
C GLU A 154 32.35 4.26 -13.74
N GLN A 155 32.99 5.26 -13.13
CA GLN A 155 33.03 5.40 -11.68
C GLN A 155 31.63 5.81 -11.19
N LEU A 156 31.00 6.79 -11.87
CA LEU A 156 29.62 7.14 -11.57
C LEU A 156 28.63 6.00 -11.76
N ARG A 157 28.77 5.25 -12.85
CA ARG A 157 27.81 4.14 -13.11
C ARG A 157 27.83 3.08 -12.01
N ALA A 158 29.04 2.71 -11.57
CA ALA A 158 29.26 1.81 -10.40
C ALA A 158 28.56 2.28 -9.12
N TYR A 159 28.67 3.57 -8.81
CA TYR A 159 27.98 4.14 -7.65
C TYR A 159 26.45 4.17 -7.85
N LEU A 160 25.98 4.67 -9.00
CA LEU A 160 24.51 4.83 -9.24
C LEU A 160 23.77 3.50 -9.21
N GLU A 161 24.38 2.46 -9.79
CA GLU A 161 23.78 1.14 -9.83
C GLU A 161 23.98 0.29 -8.56
N GLY A 162 24.98 0.63 -7.74
CA GLY A 162 25.33 -0.19 -6.57
C GLY A 162 25.08 0.61 -5.31
N THR A 163 26.09 1.35 -4.87
CA THR A 163 26.04 2.08 -3.61
C THR A 163 24.78 2.95 -3.44
N CYS A 164 24.45 3.72 -4.46
CA CYS A 164 23.30 4.62 -4.37
C CYS A 164 22.01 3.87 -4.03
N VAL A 165 21.74 2.80 -4.77
CA VAL A 165 20.51 2.11 -4.49
C VAL A 165 20.55 1.31 -3.23
N GLU A 166 21.74 0.75 -2.90
CA GLU A 166 21.84 0.04 -1.61
C GLU A 166 21.53 0.95 -0.42
N TRP A 167 22.06 2.16 -0.48
CA TRP A 167 21.83 3.11 0.62
C TRP A 167 20.40 3.66 0.62
N LEU A 168 19.81 3.82 -0.57
CA LEU A 168 18.39 4.19 -0.66
C LEU A 168 17.53 3.15 0.02
N ARG A 169 17.80 1.88 -0.24
CA ARG A 169 17.04 0.80 0.39
C ARG A 169 17.26 0.79 1.90
N ARG A 170 18.51 1.00 2.36
CA ARG A 170 18.77 1.13 3.80
CA ARG A 170 18.74 1.11 3.78
C ARG A 170 17.89 2.22 4.42
N TYR A 171 17.85 3.39 3.77
CA TYR A 171 17.11 4.55 4.28
C TYR A 171 15.61 4.27 4.33
N LEU A 172 15.09 3.63 3.28
CA LEU A 172 13.67 3.30 3.18
C LEU A 172 13.28 2.38 4.33
N GLU A 173 14.16 1.46 4.68
CA GLU A 173 13.87 0.58 5.79
C GLU A 173 13.98 1.28 7.15
N ASN A 174 15.09 2.01 7.40
CA ASN A 174 15.31 2.71 8.68
C ASN A 174 14.32 3.83 8.92
N GLY A 175 13.89 4.46 7.82
CA GLY A 175 12.91 5.49 7.92
C GLY A 175 11.55 5.12 7.42
N LYS A 176 11.17 3.85 7.58
CA LYS A 176 9.93 3.30 7.06
C LYS A 176 8.70 4.09 7.45
N GLU A 177 8.58 4.46 8.74
CA GLU A 177 7.46 5.31 9.18
C GLU A 177 7.32 6.69 8.48
N THR A 178 8.44 7.28 8.05
CA THR A 178 8.45 8.60 7.37
C THR A 178 8.40 8.46 5.84
N LEU A 179 9.10 7.45 5.33
CA LEU A 179 9.29 7.34 3.88
C LEU A 179 8.35 6.38 3.13
N GLN A 180 7.92 5.30 3.80
CA GLN A 180 7.02 4.35 3.16
C GLN A 180 5.57 4.68 3.53
N ARG A 181 5.33 5.93 3.90
CA ARG A 181 4.03 6.44 4.37
C ARG A 181 3.41 7.20 3.23
N THR A 182 2.08 7.24 3.22
CA THR A 182 1.41 8.30 2.48
C THR A 182 0.51 9.06 3.45
N ASP A 183 0.39 10.38 3.25
CA ASP A 183 -0.62 11.17 3.95
C ASP A 183 -1.61 11.60 2.85
N ALA A 184 -2.84 11.14 2.96
CA ALA A 184 -3.88 11.52 1.98
C ALA A 184 -4.25 12.97 2.16
N PRO A 185 -4.56 13.64 1.03
CA PRO A 185 -4.97 15.03 1.11
C PRO A 185 -6.24 15.19 1.92
N LYS A 186 -6.25 16.19 2.81
CA LYS A 186 -7.50 16.60 3.47
C LYS A 186 -8.05 17.69 2.57
N THR A 187 -9.31 17.57 2.15
CA THR A 187 -9.79 18.44 1.09
C THR A 187 -10.95 19.32 1.56
N HIS A 188 -11.10 20.51 0.98
CA HIS A 188 -12.32 21.33 1.19
C HIS A 188 -12.43 22.33 0.06
N MET A 189 -13.56 23.04 0.01
CA MET A 189 -13.78 24.02 -1.02
C MET A 189 -14.09 25.34 -0.32
N THR A 190 -13.73 26.45 -0.95
CA THR A 190 -14.22 27.75 -0.53
C THR A 190 -14.95 28.43 -1.68
N HIS A 191 -15.79 29.40 -1.36
CA HIS A 191 -16.61 30.06 -2.34
C HIS A 191 -16.57 31.56 -2.02
N HIS A 192 -16.10 32.38 -2.94
CA HIS A 192 -16.04 33.82 -2.65
C HIS A 192 -16.63 34.56 -3.84
N ALA A 193 -17.50 35.53 -3.54
CA ALA A 193 -18.21 36.28 -4.57
C ALA A 193 -17.31 37.33 -5.22
N VAL A 194 -17.06 37.16 -6.52
CA VAL A 194 -16.31 38.14 -7.31
C VAL A 194 -17.16 39.39 -7.57
N SER A 195 -18.34 39.19 -8.17
CA SER A 195 -19.35 40.24 -8.42
C SER A 195 -20.78 39.68 -8.21
N ASP A 196 -21.80 40.41 -8.68
CA ASP A 196 -23.18 39.86 -8.54
C ASP A 196 -23.57 38.75 -9.54
N HIS A 197 -22.75 38.56 -10.59
CA HIS A 197 -23.07 37.50 -11.56
C HIS A 197 -22.06 36.34 -11.67
N GLU A 198 -21.03 36.32 -10.82
CA GLU A 198 -20.10 35.14 -10.72
C GLU A 198 -19.36 34.99 -9.36
N ALA A 199 -18.80 33.79 -9.09
CA ALA A 199 -18.07 33.53 -7.85
C ALA A 199 -16.86 32.61 -8.12
N THR A 200 -15.83 32.69 -7.27
CA THR A 200 -14.63 31.83 -7.40
C THR A 200 -14.82 30.58 -6.52
N LEU A 201 -14.69 29.38 -7.08
CA LEU A 201 -14.74 28.15 -6.29
C LEU A 201 -13.32 27.63 -6.23
N ARG A 202 -12.81 27.42 -5.01
CA ARG A 202 -11.42 26.97 -4.83
C ARG A 202 -11.41 25.58 -4.17
N CYS A 203 -10.69 24.65 -4.77
CA CYS A 203 -10.65 23.25 -4.29
C CYS A 203 -9.27 23.11 -3.64
N TRP A 204 -9.22 22.70 -2.37
CA TRP A 204 -8.01 22.69 -1.58
C TRP A 204 -7.61 21.27 -1.29
N ALA A 205 -6.31 21.00 -1.38
CA ALA A 205 -5.74 19.72 -0.89
C ALA A 205 -4.67 20.09 0.13
N LEU A 206 -4.77 19.57 1.36
CA LEU A 206 -3.81 19.94 2.39
C LEU A 206 -3.22 18.70 3.06
N SER A 207 -2.04 18.86 3.67
CA SER A 207 -1.45 17.85 4.53
C SER A 207 -1.19 16.54 3.80
N PHE A 208 -0.72 16.62 2.55
CA PHE A 208 -0.50 15.38 1.82
C PHE A 208 0.98 15.08 1.60
N TYR A 209 1.26 13.79 1.39
CA TYR A 209 2.64 13.31 1.14
C TYR A 209 2.50 11.99 0.37
N PRO A 210 3.28 11.79 -0.73
CA PRO A 210 4.30 12.67 -1.34
C PRO A 210 3.66 13.87 -2.06
N ALA A 211 4.51 14.65 -2.72
CA ALA A 211 4.06 15.93 -3.25
C ALA A 211 3.22 15.73 -4.53
N GLU A 212 3.47 14.64 -5.26
CA GLU A 212 2.74 14.36 -6.55
C GLU A 212 1.21 14.31 -6.36
N ILE A 213 0.47 15.13 -7.10
CA ILE A 213 -1.01 15.17 -6.92
C ILE A 213 -1.60 15.72 -8.21
N THR A 214 -2.84 15.34 -8.52
CA THR A 214 -3.56 15.92 -9.66
C THR A 214 -4.88 16.51 -9.15
N LEU A 215 -5.04 17.83 -9.36
CA LEU A 215 -6.23 18.55 -8.95
C LEU A 215 -6.85 19.16 -10.19
N THR A 216 -8.08 18.76 -10.54
CA THR A 216 -8.67 19.31 -11.76
C THR A 216 -10.12 19.71 -11.50
N TRP A 217 -10.59 20.68 -12.30
CA TRP A 217 -12.00 20.93 -12.32
C TRP A 217 -12.63 20.43 -13.62
N GLN A 218 -13.87 20.00 -13.49
CA GLN A 218 -14.72 19.71 -14.66
C GLN A 218 -16.02 20.50 -14.57
N ARG A 219 -16.61 20.81 -15.74
CA ARG A 219 -17.92 21.42 -15.82
C ARG A 219 -18.76 20.51 -16.68
N ASP A 220 -19.84 19.97 -16.10
CA ASP A 220 -20.62 18.91 -16.80
C ASP A 220 -19.73 17.72 -17.25
N GLY A 221 -18.73 17.39 -16.46
CA GLY A 221 -17.76 16.33 -16.80
C GLY A 221 -16.74 16.60 -17.90
N GLU A 222 -16.65 17.85 -18.38
CA GLU A 222 -15.60 18.20 -19.37
C GLU A 222 -14.47 18.97 -18.66
N ASP A 223 -13.23 18.60 -18.90
CA ASP A 223 -12.11 19.25 -18.17
C ASP A 223 -12.04 20.74 -18.52
N GLN A 224 -11.77 21.56 -17.52
CA GLN A 224 -11.72 22.99 -17.66
C GLN A 224 -10.28 23.49 -17.57
N THR A 225 -9.40 22.85 -18.33
CA THR A 225 -7.93 23.07 -18.25
C THR A 225 -7.54 24.55 -18.38
N GLN A 226 -8.07 25.16 -19.44
CA GLN A 226 -7.74 26.55 -19.77
C GLN A 226 -8.35 27.57 -18.84
N ASP A 227 -9.29 27.14 -18.01
CA ASP A 227 -10.05 28.09 -17.21
C ASP A 227 -9.90 27.81 -15.73
N THR A 228 -8.84 27.09 -15.38
CA THR A 228 -8.58 26.74 -14.00
C THR A 228 -7.32 27.45 -13.62
N GLU A 229 -7.35 28.17 -12.49
CA GLU A 229 -6.13 28.69 -11.89
C GLU A 229 -5.52 27.63 -10.98
N LEU A 230 -4.28 27.22 -11.21
CA LEU A 230 -3.72 26.14 -10.41
C LEU A 230 -2.42 26.69 -9.82
N VAL A 231 -2.18 26.58 -8.51
CA VAL A 231 -0.94 27.08 -7.97
C VAL A 231 0.06 25.95 -7.89
N GLU A 232 1.34 26.32 -7.85
CA GLU A 232 2.38 25.35 -7.65
C GLU A 232 2.21 24.66 -6.29
N THR A 233 2.42 23.35 -6.26
CA THR A 233 2.40 22.58 -4.99
C THR A 233 3.48 23.14 -4.09
N ARG A 234 3.13 23.33 -2.82
CA ARG A 234 3.95 24.13 -1.88
C ARG A 234 4.09 23.37 -0.56
N PRO A 235 5.24 23.52 0.08
CA PRO A 235 5.47 22.82 1.35
C PRO A 235 4.78 23.47 2.52
N ALA A 236 4.19 22.66 3.39
CA ALA A 236 3.61 23.23 4.59
C ALA A 236 4.64 23.57 5.66
N GLY A 237 5.79 22.88 5.63
CA GLY A 237 6.84 23.15 6.59
C GLY A 237 6.98 22.00 7.57
N ASP A 238 6.02 21.09 7.53
CA ASP A 238 6.00 19.95 8.50
C ASP A 238 6.23 18.63 7.80
N GLY A 239 6.67 18.69 6.53
CA GLY A 239 6.92 17.49 5.74
C GLY A 239 5.75 17.15 4.82
N THR A 240 4.65 17.89 4.91
CA THR A 240 3.53 17.66 3.98
C THR A 240 3.40 18.83 3.00
N PHE A 241 2.50 18.66 2.03
CA PHE A 241 2.37 19.63 0.96
C PHE A 241 0.92 20.07 0.81
N GLN A 242 0.74 21.16 0.06
CA GLN A 242 -0.60 21.81 -0.15
C GLN A 242 -0.74 22.22 -1.61
N LYS A 243 -1.99 22.27 -2.09
CA LYS A 243 -2.21 22.80 -3.45
C LYS A 243 -3.65 23.24 -3.49
N TRP A 244 -3.93 24.16 -4.40
CA TRP A 244 -5.32 24.42 -4.73
C TRP A 244 -5.54 24.67 -6.20
N ALA A 245 -6.82 24.58 -6.60
CA ALA A 245 -7.22 24.84 -7.99
C ALA A 245 -8.52 25.62 -7.90
N ALA A 246 -8.68 26.68 -8.69
CA ALA A 246 -9.88 27.50 -8.62
C ALA A 246 -10.48 27.76 -10.00
N VAL A 247 -11.81 27.88 -10.05
CA VAL A 247 -12.52 28.24 -11.28
C VAL A 247 -13.50 29.36 -10.97
N VAL A 248 -13.85 30.12 -12.00
CA VAL A 248 -14.87 31.16 -11.86
C VAL A 248 -16.21 30.61 -12.38
N VAL A 249 -17.20 30.58 -11.49
CA VAL A 249 -18.48 29.95 -11.70
C VAL A 249 -19.57 31.04 -11.79
N PRO A 250 -20.23 31.17 -12.95
CA PRO A 250 -21.36 32.09 -13.13
C PRO A 250 -22.53 31.69 -12.23
N SER A 251 -23.44 32.61 -11.99
CA SER A 251 -24.51 32.40 -11.01
C SER A 251 -25.42 31.23 -11.29
N GLY A 252 -25.61 30.43 -10.23
CA GLY A 252 -26.48 29.27 -10.25
C GLY A 252 -25.88 28.05 -10.89
N GLN A 253 -24.57 28.10 -11.17
CA GLN A 253 -23.99 27.02 -11.91
C GLN A 253 -23.09 26.14 -11.07
N GLU A 254 -23.03 26.41 -9.77
CA GLU A 254 -22.16 25.60 -8.88
C GLU A 254 -22.33 24.07 -9.03
N GLN A 255 -23.56 23.58 -9.22
CA GLN A 255 -23.80 22.13 -9.38
C GLN A 255 -23.22 21.53 -10.68
N ARG A 256 -22.80 22.38 -11.64
CA ARG A 256 -22.21 21.85 -12.88
C ARG A 256 -20.74 21.46 -12.68
N TYR A 257 -20.14 21.99 -11.64
CA TYR A 257 -18.69 21.90 -11.45
C TYR A 257 -18.30 20.82 -10.49
N THR A 258 -17.35 19.99 -10.89
CA THR A 258 -16.79 19.03 -9.91
C THR A 258 -15.26 19.16 -9.82
N CYS A 259 -14.73 19.00 -8.62
CA CYS A 259 -13.29 19.01 -8.44
C CYS A 259 -12.81 17.59 -8.24
N HIS A 260 -11.75 17.21 -8.94
CA HIS A 260 -11.30 15.83 -8.95
C HIS A 260 -9.90 15.78 -8.37
N VAL A 261 -9.64 14.85 -7.44
CA VAL A 261 -8.33 14.81 -6.71
C VAL A 261 -7.80 13.41 -6.87
N GLN A 262 -6.58 13.32 -7.37
CA GLN A 262 -5.88 12.05 -7.52
C GLN A 262 -4.62 12.11 -6.68
N HIS A 263 -4.44 11.13 -5.82
CA HIS A 263 -3.28 11.11 -4.94
C HIS A 263 -3.03 9.69 -4.49
N GLU A 264 -1.75 9.32 -4.39
CA GLU A 264 -1.40 7.97 -3.96
C GLU A 264 -2.00 7.55 -2.61
N GLY A 265 -2.19 8.49 -1.70
CA GLY A 265 -2.79 8.19 -0.40
C GLY A 265 -4.29 7.94 -0.42
N LEU A 266 -4.96 8.20 -1.56
CA LEU A 266 -6.42 8.06 -1.61
C LEU A 266 -6.81 6.66 -2.04
N PRO A 267 -7.80 6.08 -1.37
CA PRO A 267 -8.25 4.72 -1.74
C PRO A 267 -8.96 4.71 -3.12
N LYS A 268 -9.54 5.86 -3.48
CA LYS A 268 -10.26 6.03 -4.73
C LYS A 268 -10.08 7.50 -5.04
N PRO A 269 -10.02 7.87 -6.34
CA PRO A 269 -9.93 9.34 -6.55
C PRO A 269 -11.21 10.03 -6.07
N LEU A 270 -11.09 11.29 -5.65
CA LEU A 270 -12.23 11.99 -5.08
C LEU A 270 -12.91 12.82 -6.15
N THR A 271 -14.23 12.97 -6.01
CA THR A 271 -14.99 13.89 -6.83
C THR A 271 -15.72 14.75 -5.82
N LEU A 272 -15.48 16.06 -5.85
CA LEU A 272 -16.07 16.96 -4.86
C LEU A 272 -16.99 17.96 -5.59
N ARG A 273 -18.08 18.35 -4.96
CA ARG A 273 -19.01 19.32 -5.60
C ARG A 273 -19.40 20.29 -4.52
N TRP A 274 -19.58 21.56 -4.89
CA TRP A 274 -20.19 22.52 -3.98
C TRP A 274 -21.67 22.27 -4.00
N GLU A 275 -22.22 21.89 -2.84
CA GLU A 275 -23.64 21.61 -2.71
C GLU A 275 -24.04 21.52 -1.22
N MET B 1 23.39 36.77 -18.62
CA MET B 1 23.12 35.50 -17.91
C MET B 1 21.64 35.28 -17.53
N ILE B 2 21.29 34.02 -17.31
CA ILE B 2 19.90 33.62 -17.01
C ILE B 2 19.41 34.29 -15.75
N GLN B 3 18.21 34.88 -15.82
CA GLN B 3 17.60 35.44 -14.62
C GLN B 3 16.15 35.04 -14.67
N ARG B 4 15.64 34.44 -13.59
CA ARG B 4 14.24 34.01 -13.54
C ARG B 4 13.60 34.59 -12.29
N THR B 5 12.39 35.12 -12.42
CA THR B 5 11.72 35.84 -11.33
C THR B 5 11.11 34.86 -10.31
N PRO B 6 11.24 35.13 -9.00
CA PRO B 6 10.55 34.29 -7.98
C PRO B 6 9.01 34.34 -8.10
N LYS B 7 8.39 33.17 -8.02
CA LYS B 7 6.97 33.08 -7.70
C LYS B 7 6.89 33.15 -6.21
N ILE B 8 5.83 33.76 -5.69
CA ILE B 8 5.76 33.96 -4.24
C ILE B 8 4.41 33.52 -3.79
N GLN B 9 4.37 32.68 -2.73
CA GLN B 9 3.06 32.35 -2.11
C GLN B 9 3.22 32.56 -0.63
N VAL B 10 2.22 33.18 -0.01
CA VAL B 10 2.27 33.47 1.43
C VAL B 10 1.05 32.79 2.06
N TYR B 11 1.26 32.00 3.10
CA TYR B 11 0.17 31.13 3.58
C TYR B 11 0.54 30.56 4.94
N SER B 12 -0.47 30.05 5.64
CA SER B 12 -0.19 29.39 6.90
C SER B 12 -0.05 27.88 6.77
N ARG B 13 0.78 27.29 7.65
CA ARG B 13 0.92 25.87 7.70
C ARG B 13 -0.37 25.10 7.91
N HIS B 14 -1.14 25.53 8.92
CA HIS B 14 -2.47 24.98 9.18
C HIS B 14 -3.50 26.04 8.79
N PRO B 15 -4.75 25.62 8.53
CA PRO B 15 -5.81 26.61 8.34
C PRO B 15 -5.83 27.58 9.52
N ALA B 16 -5.90 28.88 9.21
CA ALA B 16 -5.73 29.91 10.24
C ALA B 16 -6.94 29.89 11.13
N GLU B 17 -6.71 29.91 12.44
CA GLU B 17 -7.79 30.00 13.41
C GLU B 17 -7.35 31.03 14.44
N ASN B 18 -8.12 32.10 14.63
CA ASN B 18 -7.70 33.14 15.58
C ASN B 18 -7.39 32.63 16.98
N GLY B 19 -6.24 33.02 17.52
CA GLY B 19 -5.86 32.63 18.85
C GLY B 19 -5.13 31.29 18.92
N LYS B 20 -5.00 30.61 17.78
CA LYS B 20 -4.28 29.34 17.73
C LYS B 20 -2.94 29.39 17.01
N SER B 21 -1.90 28.88 17.68
CA SER B 21 -0.54 28.97 17.13
C SER B 21 -0.38 28.24 15.83
N ASN B 22 0.46 28.79 14.96
CA ASN B 22 0.57 28.34 13.59
C ASN B 22 1.93 28.80 13.09
N PHE B 23 2.20 28.61 11.80
CA PHE B 23 3.41 29.11 11.20
C PHE B 23 2.96 29.89 9.99
N LEU B 24 3.56 31.06 9.77
CA LEU B 24 3.31 31.89 8.59
C LEU B 24 4.45 31.54 7.66
N ASN B 25 4.12 31.16 6.42
CA ASN B 25 5.11 30.74 5.43
C ASN B 25 5.16 31.71 4.25
N CYS B 26 6.36 31.89 3.67
CA CYS B 26 6.50 32.57 2.38
C CYS B 26 7.36 31.66 1.51
N TYR B 27 6.76 31.07 0.49
CA TYR B 27 7.47 30.11 -0.33
C TYR B 27 7.87 30.84 -1.63
N VAL B 28 9.16 30.79 -1.95
CA VAL B 28 9.64 31.52 -3.15
C VAL B 28 10.24 30.47 -4.01
N SER B 29 9.91 30.46 -5.30
CA SER B 29 10.39 29.36 -6.11
C SER B 29 10.55 29.83 -7.56
N GLY B 30 11.22 29.02 -8.33
CA GLY B 30 11.35 29.34 -9.73
C GLY B 30 12.37 30.40 -10.06
N PHE B 31 13.23 30.76 -9.11
CA PHE B 31 14.09 31.93 -9.35
C PHE B 31 15.52 31.58 -9.67
N HIS B 32 16.22 32.51 -10.28
CA HIS B 32 17.65 32.33 -10.57
C HIS B 32 18.19 33.71 -10.87
N PRO B 33 19.39 34.10 -10.34
CA PRO B 33 20.33 33.43 -9.39
C PRO B 33 19.75 33.26 -8.00
N SER B 34 20.48 32.59 -7.12
CA SER B 34 19.96 32.20 -5.80
C SER B 34 19.92 33.34 -4.75
N ASP B 35 20.64 34.46 -4.96
CA ASP B 35 20.61 35.59 -3.99
C ASP B 35 19.21 36.17 -3.97
N ILE B 36 18.58 36.24 -2.80
CA ILE B 36 17.20 36.74 -2.71
C ILE B 36 17.03 37.25 -1.30
N GLU B 37 16.23 38.30 -1.16
CA GLU B 37 15.98 38.88 0.15
C GLU B 37 14.50 38.63 0.47
N VAL B 38 14.19 37.94 1.56
CA VAL B 38 12.78 37.64 1.90
C VAL B 38 12.51 38.04 3.36
N ASP B 39 11.53 38.93 3.56
CA ASP B 39 11.08 39.27 4.90
C ASP B 39 9.61 38.96 5.06
N LEU B 40 9.22 38.62 6.28
CA LEU B 40 7.83 38.51 6.68
C LEU B 40 7.51 39.79 7.46
N LEU B 41 6.36 40.35 7.18
CA LEU B 41 5.89 41.58 7.76
C LEU B 41 4.65 41.32 8.61
N LYS B 42 4.63 41.91 9.79
CA LYS B 42 3.47 42.04 10.68
C LYS B 42 3.07 43.50 10.74
N ASN B 43 1.89 43.79 10.19
CA ASN B 43 1.35 45.16 10.14
C ASN B 43 2.39 46.13 9.58
N GLY B 44 3.06 45.73 8.50
CA GLY B 44 4.03 46.56 7.80
C GLY B 44 5.46 46.42 8.27
N GLU B 45 5.68 45.81 9.44
CA GLU B 45 6.99 45.84 10.12
C GLU B 45 7.71 44.50 10.03
N ARG B 46 9.03 44.53 9.88
CA ARG B 46 9.80 43.28 9.69
C ARG B 46 9.78 42.40 10.93
N ILE B 47 9.42 41.14 10.74
CA ILE B 47 9.38 40.20 11.86
C ILE B 47 10.82 39.70 12.03
N GLU B 48 11.30 39.68 13.27
CA GLU B 48 12.71 39.32 13.49
C GLU B 48 13.02 37.83 13.46
N LYS B 49 12.19 36.99 14.06
CA LYS B 49 12.59 35.60 14.17
C LYS B 49 12.08 34.81 12.98
N VAL B 50 12.79 34.93 11.85
CA VAL B 50 12.37 34.24 10.63
C VAL B 50 13.45 33.28 10.18
N GLU B 51 13.04 32.04 9.91
CA GLU B 51 14.00 31.05 9.50
C GLU B 51 13.68 30.66 8.09
N HIS B 52 14.59 29.89 7.50
CA HIS B 52 14.36 29.41 6.15
C HIS B 52 14.93 28.03 5.92
N SER B 53 14.36 27.37 4.91
CA SER B 53 14.79 26.04 4.51
C SER B 53 16.17 26.09 3.80
N ASP B 54 16.79 24.92 3.58
CA ASP B 54 18.09 24.91 2.96
C ASP B 54 17.91 25.02 1.45
N LEU B 55 18.73 25.85 0.80
CA LEU B 55 18.62 26.05 -0.66
C LEU B 55 18.64 24.76 -1.48
N SER B 56 17.61 24.57 -2.27
CA SER B 56 17.51 23.43 -3.19
C SER B 56 16.95 23.95 -4.49
N PHE B 57 16.81 23.05 -5.48
CA PHE B 57 16.40 23.46 -6.79
C PHE B 57 15.63 22.38 -7.53
N SER B 58 14.92 22.81 -8.56
CA SER B 58 14.00 21.97 -9.32
C SER B 58 14.72 21.38 -10.54
N LYS B 59 14.02 20.54 -11.30
CA LYS B 59 14.57 19.95 -12.52
C LYS B 59 15.14 20.95 -13.51
N ASP B 60 14.51 22.14 -13.59
CA ASP B 60 14.94 23.17 -14.53
C ASP B 60 16.03 24.10 -14.00
N TRP B 61 16.54 23.76 -12.82
CA TRP B 61 17.68 24.40 -12.13
C TRP B 61 17.24 25.60 -11.29
N SER B 62 15.97 25.98 -11.39
CA SER B 62 15.54 27.15 -10.64
C SER B 62 15.43 26.84 -9.14
N PHE B 63 15.71 27.84 -8.31
CA PHE B 63 15.81 27.60 -6.86
C PHE B 63 14.47 27.70 -6.14
N TYR B 64 14.42 27.11 -4.94
CA TYR B 64 13.23 27.36 -4.08
C TYR B 64 13.67 27.41 -2.62
N LEU B 65 12.97 28.22 -1.82
CA LEU B 65 13.19 28.37 -0.37
C LEU B 65 11.83 28.59 0.29
N LEU B 66 11.69 28.08 1.52
CA LEU B 66 10.53 28.39 2.36
C LEU B 66 11.03 29.18 3.52
N TYR B 67 10.49 30.39 3.66
CA TYR B 67 10.73 31.23 4.82
C TYR B 67 9.55 31.10 5.76
N TYR B 68 9.81 31.03 7.08
CA TYR B 68 8.72 30.71 7.98
C TYR B 68 8.96 31.27 9.37
N THR B 69 7.85 31.52 10.08
CA THR B 69 7.96 31.98 11.47
C THR B 69 6.74 31.51 12.26
N GLU B 70 6.89 31.29 13.58
CA GLU B 70 5.74 30.96 14.41
C GLU B 70 4.84 32.18 14.50
N PHE B 71 3.53 31.99 14.47
CA PHE B 71 2.63 33.14 14.75
C PHE B 71 1.29 32.65 15.24
N THR B 72 0.58 33.54 15.90
CA THR B 72 -0.79 33.28 16.30
C THR B 72 -1.68 34.33 15.59
N PRO B 73 -2.45 33.90 14.60
CA PRO B 73 -3.26 34.91 13.92
C PRO B 73 -4.37 35.49 14.78
N THR B 74 -4.71 36.74 14.53
CA THR B 74 -5.85 37.37 15.17
C THR B 74 -6.74 37.94 14.09
N GLU B 75 -7.90 38.49 14.49
CA GLU B 75 -8.77 39.12 13.53
C GLU B 75 -8.11 40.32 12.86
N LYS B 76 -7.44 41.17 13.64
CA LYS B 76 -6.91 42.44 13.12
C LYS B 76 -5.55 42.41 12.44
N ASP B 77 -4.64 41.54 12.89
CA ASP B 77 -3.26 41.64 12.41
C ASP B 77 -3.10 41.20 10.95
N GLU B 78 -2.43 42.03 10.17
CA GLU B 78 -2.20 41.79 8.76
C GLU B 78 -0.79 41.28 8.54
N TYR B 79 -0.64 40.29 7.69
CA TYR B 79 0.70 39.76 7.42
C TYR B 79 1.01 39.84 5.94
N ALA B 80 2.30 39.86 5.60
CA ALA B 80 2.72 39.89 4.18
C ALA B 80 4.13 39.33 4.04
N CYS B 81 4.54 39.07 2.78
CA CYS B 81 5.90 38.66 2.48
C CYS B 81 6.49 39.73 1.58
N ARG B 82 7.70 40.21 1.86
CA ARG B 82 8.32 41.19 0.97
C ARG B 82 9.58 40.58 0.35
N VAL B 83 9.68 40.60 -0.99
CA VAL B 83 10.76 39.87 -1.65
C VAL B 83 11.52 40.82 -2.56
N ASN B 84 12.84 40.78 -2.55
CA ASN B 84 13.59 41.46 -3.60
C ASN B 84 14.57 40.47 -4.20
N HIS B 85 14.86 40.70 -5.49
CA HIS B 85 15.64 39.79 -6.30
C HIS B 85 16.12 40.62 -7.48
N VAL B 86 17.17 40.18 -8.18
CA VAL B 86 17.70 41.02 -9.28
C VAL B 86 16.60 41.25 -10.40
N THR B 87 15.66 40.32 -10.54
CA THR B 87 14.56 40.41 -11.53
C THR B 87 13.44 41.39 -11.18
N LEU B 88 13.45 41.94 -9.97
CA LEU B 88 12.42 42.87 -9.54
C LEU B 88 12.99 44.27 -9.43
N SER B 89 12.30 45.24 -10.02
CA SER B 89 12.80 46.60 -9.96
C SER B 89 12.67 47.22 -8.57
N GLN B 90 11.64 46.80 -7.87
CA GLN B 90 11.34 47.20 -6.51
C GLN B 90 10.87 45.96 -5.75
N PRO B 91 11.06 45.93 -4.41
CA PRO B 91 10.58 44.80 -3.65
C PRO B 91 9.09 44.57 -3.90
N LYS B 92 8.71 43.30 -4.03
CA LYS B 92 7.35 42.92 -4.25
C LYS B 92 6.78 42.49 -2.91
N ILE B 93 5.62 43.04 -2.55
CA ILE B 93 4.91 42.69 -1.34
C ILE B 93 3.63 41.89 -1.67
N VAL B 94 3.51 40.71 -1.05
CA VAL B 94 2.34 39.88 -1.27
C VAL B 94 1.66 39.73 0.07
N LYS B 95 0.41 40.17 0.16
CA LYS B 95 -0.36 40.09 1.42
C LYS B 95 -0.88 38.69 1.69
N TRP B 96 -0.94 38.33 2.97
CA TRP B 96 -1.52 37.05 3.37
C TRP B 96 -3.02 37.16 3.35
N ASP B 97 -3.66 36.24 2.62
CA ASP B 97 -5.12 36.21 2.51
C ASP B 97 -5.47 34.88 3.16
N ARG B 98 -6.11 34.87 4.33
CA ARG B 98 -6.27 33.56 5.02
C ARG B 98 -7.10 32.49 4.24
N ASP B 99 -7.06 32.59 2.91
CA ASP B 99 -7.91 31.91 1.93
C ASP B 99 -7.16 31.55 0.64
N MET B 100 -5.85 31.76 0.60
CA MET B 100 -4.98 31.41 -0.55
C MET B 100 -3.64 30.74 -0.18
N LEU C 1 23.73 8.22 0.91
CA LEU C 1 25.22 8.26 1.03
C LEU C 1 25.85 8.95 -0.18
N LEU C 2 26.71 9.93 0.07
CA LEU C 2 27.35 10.68 -1.02
C LEU C 2 28.29 9.82 -1.85
N TYR C 3 28.45 10.16 -3.14
CA TYR C 3 29.54 9.64 -3.98
C TYR C 3 30.87 10.08 -3.37
N GLY C 4 31.89 9.24 -3.44
CA GLY C 4 33.15 9.50 -2.70
C GLY C 4 34.30 10.02 -3.55
N PHE C 5 34.18 9.86 -4.85
CA PHE C 5 35.30 10.22 -5.72
C PHE C 5 35.08 11.66 -6.19
N VAL C 6 36.14 12.32 -6.60
CA VAL C 6 36.04 13.74 -6.93
C VAL C 6 36.32 13.92 -8.41
N ASN C 7 35.67 14.90 -9.03
CA ASN C 7 36.09 15.28 -10.37
C ASN C 7 36.00 16.80 -10.52
N TYR C 8 36.80 17.33 -11.44
CA TYR C 8 36.78 18.74 -11.72
C TYR C 8 36.34 18.90 -13.16
N VAL C 9 35.53 19.91 -13.45
CA VAL C 9 35.24 20.24 -14.85
C VAL C 9 36.47 20.76 -15.61
N GLY D 1 -13.38 -1.19 8.08
CA GLY D 1 -13.04 -2.64 8.21
C GLY D 1 -11.84 -2.96 7.34
N SER D 2 -11.02 -3.92 7.76
CA SER D 2 -9.88 -4.32 6.93
C SER D 2 -10.34 -5.27 5.86
N HIS D 3 -9.52 -5.45 4.80
CA HIS D 3 -9.90 -6.29 3.65
C HIS D 3 -8.72 -7.07 3.11
N SER D 4 -8.99 -8.10 2.32
CA SER D 4 -7.93 -8.91 1.73
C SER D 4 -8.34 -9.44 0.36
N MET D 5 -7.38 -9.71 -0.51
CA MET D 5 -7.63 -10.51 -1.70
C MET D 5 -6.68 -11.68 -1.60
N ARG D 6 -7.16 -12.90 -1.87
CA ARG D 6 -6.31 -14.10 -1.72
C ARG D 6 -6.58 -15.04 -2.84
N TYR D 7 -5.54 -15.65 -3.43
CA TYR D 7 -5.78 -16.75 -4.36
C TYR D 7 -5.21 -18.03 -3.75
N PHE D 8 -5.88 -19.15 -3.98
CA PHE D 8 -5.55 -20.43 -3.40
C PHE D 8 -5.48 -21.41 -4.56
N PHE D 9 -4.38 -22.16 -4.65
CA PHE D 9 -4.17 -23.11 -5.72
C PHE D 9 -3.85 -24.45 -5.12
N THR D 10 -4.51 -25.49 -5.58
CA THR D 10 -4.22 -26.88 -5.12
C THR D 10 -3.97 -27.71 -6.33
N SER D 11 -2.87 -28.44 -6.36
CA SER D 11 -2.72 -29.41 -7.41
C SER D 11 -2.46 -30.78 -6.78
N VAL D 12 -3.06 -31.83 -7.34
CA VAL D 12 -2.96 -33.17 -6.75
C VAL D 12 -2.62 -34.18 -7.83
N SER D 13 -1.47 -34.85 -7.70
CA SER D 13 -1.10 -35.85 -8.70
C SER D 13 -1.97 -37.10 -8.62
N ARG D 14 -2.20 -37.72 -9.77
CA ARG D 14 -3.06 -38.88 -9.90
C ARG D 14 -2.37 -39.90 -10.78
N PRO D 15 -1.33 -40.57 -10.28
CA PRO D 15 -0.43 -41.40 -11.11
C PRO D 15 -1.18 -42.57 -11.73
N GLY D 16 -0.99 -42.78 -13.03
CA GLY D 16 -1.77 -43.80 -13.75
C GLY D 16 -3.14 -43.33 -14.24
N ARG D 17 -3.61 -42.17 -13.76
CA ARG D 17 -4.90 -41.63 -14.16
C ARG D 17 -4.79 -40.28 -14.87
N GLY D 18 -3.64 -40.02 -15.49
CA GLY D 18 -3.45 -38.80 -16.27
C GLY D 18 -2.90 -37.61 -15.49
N GLU D 19 -3.19 -36.41 -15.99
CA GLU D 19 -2.67 -35.15 -15.46
C GLU D 19 -3.10 -34.90 -14.01
N PRO D 20 -2.28 -34.15 -13.27
CA PRO D 20 -2.74 -33.74 -11.95
C PRO D 20 -3.98 -32.84 -12.00
N ARG D 21 -4.86 -32.99 -11.02
CA ARG D 21 -5.96 -32.04 -10.92
C ARG D 21 -5.48 -30.71 -10.35
N PHE D 22 -5.86 -29.61 -10.98
CA PHE D 22 -5.51 -28.28 -10.49
C PHE D 22 -6.80 -27.50 -10.27
N ILE D 23 -6.94 -26.94 -9.08
CA ILE D 23 -8.08 -26.07 -8.75
C ILE D 23 -7.56 -24.75 -8.22
N ALA D 24 -8.05 -23.62 -8.77
CA ALA D 24 -7.67 -22.31 -8.29
C ALA D 24 -8.95 -21.61 -7.91
N VAL D 25 -8.91 -20.91 -6.77
CA VAL D 25 -10.04 -20.05 -6.33
C VAL D 25 -9.54 -18.71 -5.88
N GLY D 26 -10.32 -17.67 -6.16
CA GLY D 26 -9.99 -16.35 -5.65
C GLY D 26 -11.04 -15.82 -4.70
N TYR D 27 -10.61 -15.14 -3.66
CA TYR D 27 -11.50 -14.59 -2.66
C TYR D 27 -11.24 -13.11 -2.45
N VAL D 28 -12.30 -12.36 -2.18
CA VAL D 28 -12.12 -11.03 -1.62
C VAL D 28 -12.77 -11.16 -0.25
N ASP D 29 -12.00 -10.92 0.82
CA ASP D 29 -12.47 -11.18 2.18
C ASP D 29 -12.96 -12.61 2.24
N ASP D 30 -14.21 -12.81 2.69
CA ASP D 30 -14.75 -14.13 2.85
C ASP D 30 -15.74 -14.40 1.71
N THR D 31 -15.54 -13.77 0.57
CA THR D 31 -16.47 -13.94 -0.57
C THR D 31 -15.67 -14.48 -1.75
N GLN D 32 -15.95 -15.70 -2.19
CA GLN D 32 -15.25 -16.21 -3.35
C GLN D 32 -15.76 -15.51 -4.60
N PHE D 33 -14.86 -15.25 -5.56
CA PHE D 33 -15.30 -14.58 -6.77
C PHE D 33 -14.92 -15.24 -8.11
N VAL D 34 -13.86 -16.05 -8.11
CA VAL D 34 -13.49 -16.73 -9.34
C VAL D 34 -13.09 -18.15 -9.06
N ARG D 35 -13.12 -18.99 -10.10
CA ARG D 35 -12.60 -20.37 -9.98
C ARG D 35 -12.04 -20.90 -11.30
N PHE D 36 -11.10 -21.83 -11.21
CA PHE D 36 -10.68 -22.60 -12.37
C PHE D 36 -10.57 -24.05 -11.91
N ASP D 37 -11.08 -25.00 -12.68
CA ASP D 37 -10.85 -26.42 -12.35
C ASP D 37 -10.36 -27.12 -13.60
N SER D 38 -9.15 -27.69 -13.55
CA SER D 38 -8.60 -28.39 -14.73
C SER D 38 -9.42 -29.56 -15.27
N ASP D 39 -10.28 -30.16 -14.42
CA ASP D 39 -11.17 -31.24 -14.87
C ASP D 39 -12.46 -30.76 -15.51
N ALA D 40 -12.77 -29.48 -15.37
CA ALA D 40 -14.03 -29.02 -15.86
C ALA D 40 -13.98 -28.78 -17.39
N ALA D 41 -15.15 -28.74 -17.99
CA ALA D 41 -15.31 -28.69 -19.44
C ALA D 41 -14.86 -27.38 -20.08
N SER D 42 -15.10 -26.25 -19.42
CA SER D 42 -14.86 -24.93 -20.05
C SER D 42 -13.39 -24.58 -20.28
N GLN D 43 -12.49 -25.04 -19.40
CA GLN D 43 -11.09 -24.69 -19.45
C GLN D 43 -10.92 -23.14 -19.35
N ARG D 44 -11.81 -22.49 -18.58
CA ARG D 44 -11.79 -21.03 -18.44
C ARG D 44 -11.84 -20.71 -16.99
N MET D 45 -11.26 -19.57 -16.65
CA MET D 45 -11.56 -18.91 -15.38
C MET D 45 -13.04 -18.51 -15.42
N GLU D 46 -13.77 -18.77 -14.33
CA GLU D 46 -15.25 -18.60 -14.29
C GLU D 46 -15.64 -17.73 -13.10
N PRO D 47 -16.68 -16.90 -13.27
CA PRO D 47 -17.13 -16.04 -12.18
C PRO D 47 -17.86 -16.84 -11.12
N ARG D 48 -17.70 -16.46 -9.85
CA ARG D 48 -18.44 -17.10 -8.77
C ARG D 48 -19.07 -16.09 -7.81
N ALA D 49 -19.08 -14.81 -8.21
CA ALA D 49 -19.80 -13.77 -7.49
C ALA D 49 -20.44 -12.88 -8.51
N PRO D 50 -21.68 -12.38 -8.25
CA PRO D 50 -22.36 -11.57 -9.27
C PRO D 50 -21.64 -10.27 -9.69
N TRP D 51 -20.88 -9.64 -8.77
CA TRP D 51 -20.18 -8.40 -9.10
C TRP D 51 -18.94 -8.52 -10.00
N ILE D 52 -18.44 -9.74 -10.21
CA ILE D 52 -17.32 -9.93 -11.15
C ILE D 52 -17.87 -10.26 -12.56
N GLU D 53 -19.15 -10.61 -12.68
CA GLU D 53 -19.72 -11.15 -13.94
C GLU D 53 -19.65 -10.18 -15.10
N GLN D 54 -19.62 -8.89 -14.81
CA GLN D 54 -19.60 -7.91 -15.88
C GLN D 54 -18.22 -7.30 -16.14
N GLU D 55 -17.17 -7.95 -15.64
CA GLU D 55 -15.78 -7.58 -15.99
C GLU D 55 -15.51 -7.57 -17.49
N GLY D 56 -16.06 -8.49 -18.25
CA GLY D 56 -15.86 -8.27 -19.75
C GLY D 56 -14.73 -9.15 -20.28
N PRO D 57 -14.69 -9.37 -21.61
CA PRO D 57 -13.96 -10.52 -22.15
C PRO D 57 -12.46 -10.41 -22.04
N GLU D 58 -11.90 -9.19 -22.10
CA GLU D 58 -10.45 -9.06 -21.87
C GLU D 58 -10.00 -9.54 -20.49
N TYR D 59 -10.80 -9.25 -19.47
CA TYR D 59 -10.56 -9.84 -18.14
C TYR D 59 -10.60 -11.36 -18.18
N TRP D 60 -11.69 -11.94 -18.69
CA TRP D 60 -11.83 -13.40 -18.63
C TRP D 60 -10.79 -14.11 -19.51
N ASP D 61 -10.44 -13.51 -20.63
CA ASP D 61 -9.45 -14.17 -21.49
C ASP D 61 -8.09 -14.11 -20.82
N GLY D 62 -7.75 -12.95 -20.25
CA GLY D 62 -6.48 -12.76 -19.58
C GLY D 62 -6.33 -13.64 -18.37
N GLU D 63 -7.39 -13.76 -17.55
CA GLU D 63 -7.29 -14.55 -16.32
C GLU D 63 -7.21 -16.03 -16.66
N THR D 64 -7.88 -16.44 -17.74
CA THR D 64 -7.86 -17.83 -18.20
C THR D 64 -6.47 -18.16 -18.67
N ARG D 65 -5.85 -17.24 -19.44
CA ARG D 65 -4.45 -17.44 -19.88
C ARG D 65 -3.50 -17.63 -18.69
N LYS D 66 -3.63 -16.75 -17.69
CA LYS D 66 -2.74 -16.81 -16.55
C LYS D 66 -2.93 -18.04 -15.70
N VAL D 67 -4.18 -18.39 -15.43
CA VAL D 67 -4.48 -19.52 -14.57
C VAL D 67 -4.07 -20.85 -15.24
N LYS D 68 -4.13 -20.94 -16.56
CA LYS D 68 -3.66 -22.13 -17.28
C LYS D 68 -2.14 -22.22 -17.12
N ALA D 69 -1.44 -21.08 -17.24
CA ALA D 69 0.00 -21.00 -16.96
C ALA D 69 0.36 -21.39 -15.53
N HIS D 70 -0.43 -20.95 -14.54
CA HIS D 70 -0.23 -21.42 -13.15
C HIS D 70 -0.41 -22.96 -13.06
N SER D 71 -1.43 -23.47 -13.73
CA SER D 71 -1.72 -24.90 -13.72
C SER D 71 -0.51 -25.71 -14.21
N GLN D 72 0.04 -25.30 -15.34
CA GLN D 72 1.22 -25.96 -15.91
C GLN D 72 2.46 -25.91 -15.02
N THR D 73 2.69 -24.79 -14.34
CA THR D 73 3.87 -24.77 -13.49
C THR D 73 3.76 -25.68 -12.28
N HIS D 74 2.55 -25.77 -11.74
CA HIS D 74 2.30 -26.69 -10.64
C HIS D 74 2.38 -28.18 -11.04
N ARG D 75 2.03 -28.49 -12.29
CA ARG D 75 2.29 -29.82 -12.86
C ARG D 75 3.77 -30.17 -12.86
N VAL D 76 4.61 -29.25 -13.32
CA VAL D 76 6.07 -29.45 -13.31
C VAL D 76 6.56 -29.58 -11.88
N ASP D 77 6.04 -28.71 -11.00
CA ASP D 77 6.37 -28.73 -9.59
C ASP D 77 6.20 -30.06 -8.90
N LEU D 78 5.10 -30.75 -9.18
CA LEU D 78 4.86 -32.05 -8.59
C LEU D 78 5.99 -33.02 -8.90
N GLY D 79 6.44 -33.01 -10.15
CA GLY D 79 7.60 -33.83 -10.58
C GLY D 79 8.88 -33.43 -9.88
N THR D 80 9.16 -32.12 -9.80
CA THR D 80 10.38 -31.64 -9.16
C THR D 80 10.48 -32.07 -7.69
N LEU D 81 9.35 -31.91 -6.97
CA LEU D 81 9.28 -32.21 -5.55
C LEU D 81 9.41 -33.71 -5.25
N ARG D 82 8.80 -34.55 -6.09
CA ARG D 82 8.98 -36.01 -6.07
C ARG D 82 10.48 -36.36 -6.21
N GLY D 83 11.15 -35.69 -7.14
CA GLY D 83 12.62 -35.79 -7.27
C GLY D 83 13.41 -35.35 -6.04
N TYR D 84 13.09 -34.16 -5.48
CA TYR D 84 13.79 -33.63 -4.30
C TYR D 84 13.69 -34.53 -3.06
N TYR D 85 12.54 -35.16 -2.87
CA TYR D 85 12.29 -36.00 -1.68
C TYR D 85 12.49 -37.49 -1.93
N ASN D 86 12.94 -37.80 -3.16
CA ASN D 86 13.27 -39.15 -3.62
C ASN D 86 12.05 -40.07 -3.49
N GLN D 87 10.91 -39.58 -3.96
CA GLN D 87 9.65 -40.27 -3.78
C GLN D 87 9.29 -41.13 -4.97
N SER D 88 8.58 -42.23 -4.67
CA SER D 88 8.06 -43.12 -5.70
C SER D 88 7.07 -42.45 -6.63
N GLU D 89 6.98 -42.97 -7.85
CA GLU D 89 6.17 -42.34 -8.87
C GLU D 89 4.70 -42.76 -8.73
N ALA D 90 4.43 -43.75 -7.90
CA ALA D 90 3.09 -44.35 -7.78
C ALA D 90 2.11 -43.61 -6.85
N GLY D 91 2.61 -42.86 -5.88
CA GLY D 91 1.74 -42.22 -4.90
C GLY D 91 1.22 -40.84 -5.30
N SER D 92 0.06 -40.46 -4.75
CA SER D 92 -0.47 -39.10 -4.97
C SER D 92 0.13 -38.11 -3.97
N HIS D 93 0.51 -36.92 -4.46
CA HIS D 93 1.05 -35.84 -3.65
C HIS D 93 0.30 -34.54 -3.93
N THR D 94 0.39 -33.59 -3.00
CA THR D 94 -0.33 -32.36 -3.10
C THR D 94 0.62 -31.17 -3.03
N VAL D 95 0.45 -30.22 -3.93
CA VAL D 95 1.08 -28.95 -3.80
C VAL D 95 -0.01 -27.90 -3.58
N GLN D 96 0.24 -26.96 -2.65
CA GLN D 96 -0.63 -25.77 -2.48
C GLN D 96 0.15 -24.51 -2.51
N ARG D 97 -0.48 -23.44 -3.04
CA ARG D 97 0.15 -22.13 -3.05
C ARG D 97 -0.93 -21.13 -2.66
N MET D 98 -0.62 -20.13 -1.85
CA MET D 98 -1.59 -19.08 -1.59
C MET D 98 -0.82 -17.79 -1.69
N TYR D 99 -1.42 -16.76 -2.29
CA TYR D 99 -0.83 -15.46 -2.19
C TYR D 99 -1.90 -14.39 -2.12
N GLY D 100 -1.50 -13.20 -1.70
CA GLY D 100 -2.46 -12.09 -1.70
C GLY D 100 -1.99 -10.95 -0.83
N CYS D 101 -2.89 -9.99 -0.57
CA CYS D 101 -2.55 -8.79 0.12
C CYS D 101 -3.64 -8.40 1.12
N ASP D 102 -3.25 -7.76 2.21
CA ASP D 102 -4.19 -7.20 3.19
C ASP D 102 -4.15 -5.69 3.13
N VAL D 103 -5.31 -5.06 3.25
CA VAL D 103 -5.36 -3.61 3.43
C VAL D 103 -6.13 -3.27 4.69
N GLY D 104 -5.91 -2.07 5.21
CA GLY D 104 -6.66 -1.65 6.37
C GLY D 104 -7.99 -1.01 6.04
N SER D 105 -8.57 -0.37 7.03
CA SER D 105 -9.86 0.30 6.80
C SER D 105 -9.73 1.49 5.83
N ASP D 106 -8.52 2.04 5.73
CA ASP D 106 -8.20 3.11 4.77
C ASP D 106 -7.85 2.58 3.37
N TRP D 107 -7.98 1.26 3.20
CA TRP D 107 -7.64 0.53 1.96
C TRP D 107 -6.19 0.64 1.53
N ARG D 108 -5.31 0.97 2.48
CA ARG D 108 -3.88 0.92 2.21
C ARG D 108 -3.24 -0.38 2.62
N PHE D 109 -2.20 -0.75 1.89
CA PHE D 109 -1.41 -1.94 2.12
C PHE D 109 -0.92 -2.10 3.57
N LEU D 110 -1.12 -3.31 4.11
CA LEU D 110 -0.73 -3.67 5.45
C LEU D 110 0.32 -4.74 5.34
N ARG D 111 0.07 -5.73 4.47
CA ARG D 111 0.76 -6.98 4.51
C ARG D 111 0.57 -7.68 3.15
N GLY D 112 1.62 -8.36 2.69
CA GLY D 112 1.56 -9.22 1.51
C GLY D 112 2.11 -10.59 1.88
N TYR D 113 1.63 -11.62 1.17
CA TYR D 113 1.85 -13.07 1.45
C TYR D 113 2.08 -13.84 0.16
N HIS D 114 2.95 -14.84 0.18
CA HIS D 114 3.06 -15.75 -0.93
C HIS D 114 3.71 -16.99 -0.31
N GLN D 115 2.95 -18.06 -0.19
CA GLN D 115 3.55 -19.24 0.42
C GLN D 115 3.13 -20.52 -0.23
N TYR D 116 3.87 -21.59 0.10
CA TYR D 116 3.71 -22.79 -0.64
C TYR D 116 3.85 -23.93 0.30
N ALA D 117 3.10 -25.00 0.04
CA ALA D 117 3.18 -26.21 0.85
C ALA D 117 3.29 -27.45 0.02
N TYR D 118 3.96 -28.48 0.53
CA TYR D 118 4.00 -29.79 -0.12
C TYR D 118 3.46 -30.80 0.87
N ASP D 119 2.45 -31.59 0.44
CA ASP D 119 1.83 -32.62 1.25
C ASP D 119 1.38 -32.08 2.62
N GLY D 120 0.84 -30.86 2.59
CA GLY D 120 0.21 -30.22 3.73
C GLY D 120 1.13 -29.60 4.74
N LYS D 121 2.43 -29.57 4.45
CA LYS D 121 3.39 -28.92 5.35
C LYS D 121 4.08 -27.73 4.65
N ASP D 122 4.36 -26.70 5.44
CA ASP D 122 5.07 -25.52 4.91
C ASP D 122 6.27 -25.96 4.11
N TYR D 123 6.47 -25.32 2.97
CA TYR D 123 7.62 -25.63 2.12
C TYR D 123 8.49 -24.36 1.98
N ILE D 124 7.91 -23.31 1.40
CA ILE D 124 8.64 -22.04 1.31
C ILE D 124 7.67 -20.87 1.43
N ALA D 125 8.08 -19.78 2.08
CA ALA D 125 7.15 -18.69 2.29
C ALA D 125 7.92 -17.38 2.17
N LEU D 126 7.29 -16.40 1.56
CA LEU D 126 7.91 -15.07 1.49
C LEU D 126 7.73 -14.41 2.85
N LYS D 127 8.81 -13.83 3.39
CA LYS D 127 8.74 -13.18 4.71
C LYS D 127 8.06 -11.84 4.61
N GLU D 128 7.72 -11.28 5.77
CA GLU D 128 6.88 -10.10 5.78
C GLU D 128 7.55 -8.90 5.16
N ASP D 129 8.90 -8.89 5.17
CA ASP D 129 9.67 -7.79 4.54
C ASP D 129 9.63 -7.79 3.00
N LEU D 130 9.07 -8.87 2.44
CA LEU D 130 8.91 -9.06 0.97
C LEU D 130 10.23 -9.17 0.24
N ARG D 131 11.28 -9.54 0.98
CA ARG D 131 12.63 -9.54 0.41
C ARG D 131 13.40 -10.83 0.67
N SER D 132 12.85 -11.73 1.48
CA SER D 132 13.58 -12.91 1.91
C SER D 132 12.62 -14.03 2.13
N TRP D 133 13.17 -15.24 2.21
CA TRP D 133 12.35 -16.46 2.17
C TRP D 133 12.62 -17.32 3.39
N THR D 134 11.56 -18.00 3.84
CA THR D 134 11.68 -19.00 4.87
C THR D 134 11.60 -20.36 4.18
N ALA D 135 12.65 -21.15 4.35
CA ALA D 135 12.79 -22.51 3.88
C ALA D 135 13.36 -23.26 5.09
N ALA D 136 12.67 -24.29 5.56
CA ALA D 136 13.14 -25.09 6.71
C ALA D 136 13.78 -26.39 6.24
N ASP D 137 13.37 -26.82 5.05
CA ASP D 137 13.93 -28.02 4.43
C ASP D 137 15.23 -27.77 3.70
N MET D 138 16.02 -28.82 3.54
CA MET D 138 17.15 -28.83 2.63
C MET D 138 16.65 -28.67 1.18
N ALA D 139 15.59 -29.40 0.85
CA ALA D 139 14.91 -29.21 -0.44
C ALA D 139 14.35 -27.81 -0.63
N ALA D 140 13.63 -27.30 0.35
CA ALA D 140 13.20 -25.91 0.24
C ALA D 140 14.32 -24.87 0.12
N GLN D 141 15.48 -25.11 0.72
CA GLN D 141 16.60 -24.19 0.55
C GLN D 141 17.07 -24.20 -0.91
N THR D 142 16.98 -25.34 -1.58
CA THR D 142 17.24 -25.37 -3.02
C THR D 142 16.29 -24.49 -3.88
N THR D 143 15.00 -24.52 -3.57
CA THR D 143 14.03 -23.68 -4.23
C THR D 143 14.33 -22.24 -3.87
N LYS D 144 14.67 -22.00 -2.59
CA LYS D 144 15.00 -20.62 -2.15
C LYS D 144 16.12 -20.05 -2.99
N HIS D 145 17.20 -20.82 -3.16
CA HIS D 145 18.29 -20.33 -4.00
C HIS D 145 17.90 -20.04 -5.45
N LYS D 146 17.09 -20.91 -6.04
CA LYS D 146 16.60 -20.63 -7.41
C LYS D 146 15.84 -19.30 -7.48
N TRP D 147 14.98 -19.08 -6.50
CA TRP D 147 14.13 -17.91 -6.48
C TRP D 147 14.90 -16.64 -6.11
N GLU D 148 15.93 -16.82 -5.30
CA GLU D 148 16.89 -15.73 -5.06
C GLU D 148 17.61 -15.31 -6.33
N ALA D 149 18.16 -16.29 -7.04
CA ALA D 149 18.88 -15.99 -8.27
C ALA D 149 17.99 -15.33 -9.35
N ALA D 150 16.72 -15.74 -9.39
CA ALA D 150 15.79 -15.25 -10.39
C ALA D 150 15.04 -13.98 -9.94
N HIS D 151 15.40 -13.44 -8.76
CA HIS D 151 14.75 -12.22 -8.22
C HIS D 151 13.21 -12.30 -8.13
N VAL D 152 12.71 -13.44 -7.68
CA VAL D 152 11.28 -13.69 -7.60
C VAL D 152 10.63 -12.79 -6.55
N ALA D 153 11.32 -12.60 -5.43
CA ALA D 153 10.76 -11.78 -4.33
C ALA D 153 10.48 -10.35 -4.79
N GLU D 154 11.41 -9.78 -5.55
CA GLU D 154 11.23 -8.43 -6.14
C GLU D 154 9.98 -8.35 -7.03
N GLN D 155 9.80 -9.34 -7.90
CA GLN D 155 8.62 -9.32 -8.76
C GLN D 155 7.34 -9.48 -7.96
N LEU D 156 7.34 -10.36 -6.97
CA LEU D 156 6.21 -10.51 -6.05
C LEU D 156 5.90 -9.21 -5.31
N ARG D 157 6.92 -8.54 -4.77
CA ARG D 157 6.69 -7.30 -4.04
C ARG D 157 5.96 -6.24 -4.89
N ALA D 158 6.38 -6.08 -6.14
CA ALA D 158 5.73 -5.16 -7.07
C ALA D 158 4.25 -5.50 -7.24
N TYR D 159 3.93 -6.78 -7.35
CA TYR D 159 2.56 -7.23 -7.47
C TYR D 159 1.77 -7.03 -6.16
N LEU D 160 2.32 -7.50 -5.04
CA LEU D 160 1.61 -7.53 -3.78
C LEU D 160 1.27 -6.14 -3.22
N GLU D 161 2.19 -5.17 -3.43
CA GLU D 161 2.01 -3.81 -2.95
C GLU D 161 1.35 -2.90 -4.00
N GLY D 162 1.23 -3.38 -5.22
CA GLY D 162 0.77 -2.53 -6.30
C GLY D 162 -0.49 -3.14 -6.86
N THR D 163 -0.33 -3.96 -7.89
CA THR D 163 -1.44 -4.62 -8.58
C THR D 163 -2.49 -5.27 -7.68
N CYS D 164 -2.03 -6.04 -6.69
CA CYS D 164 -2.92 -6.76 -5.81
C CYS D 164 -3.80 -5.76 -5.06
N VAL D 165 -3.20 -4.66 -4.60
CA VAL D 165 -4.00 -3.69 -3.85
C VAL D 165 -4.92 -2.89 -4.78
N GLU D 166 -4.39 -2.54 -5.95
CA GLU D 166 -5.23 -1.81 -6.91
C GLU D 166 -6.49 -2.57 -7.29
N TRP D 167 -6.34 -3.87 -7.57
CA TRP D 167 -7.49 -4.67 -8.03
C TRP D 167 -8.42 -5.01 -6.87
N LEU D 168 -7.85 -5.25 -5.69
CA LEU D 168 -8.68 -5.38 -4.47
C LEU D 168 -9.59 -4.13 -4.31
N ARG D 169 -9.03 -2.92 -4.43
CA ARG D 169 -9.85 -1.69 -4.30
C ARG D 169 -10.90 -1.64 -5.40
N ARG D 170 -10.53 -2.03 -6.63
CA ARG D 170 -11.50 -2.09 -7.72
C ARG D 170 -12.67 -3.03 -7.44
N TYR D 171 -12.35 -4.21 -6.96
CA TYR D 171 -13.36 -5.19 -6.61
C TYR D 171 -14.25 -4.73 -5.46
N LEU D 172 -13.62 -4.13 -4.44
CA LEU D 172 -14.42 -3.56 -3.31
C LEU D 172 -15.43 -2.52 -3.74
N GLU D 173 -15.04 -1.68 -4.69
CA GLU D 173 -15.97 -0.70 -5.22
C GLU D 173 -17.03 -1.31 -6.12
N ASN D 174 -16.62 -2.14 -7.07
CA ASN D 174 -17.60 -2.74 -7.98
C ASN D 174 -18.58 -3.69 -7.31
N GLY D 175 -18.13 -4.36 -6.25
CA GLY D 175 -19.00 -5.17 -5.43
C GLY D 175 -19.44 -4.55 -4.11
N LYS D 176 -19.51 -3.23 -4.07
CA LYS D 176 -19.74 -2.50 -2.82
C LYS D 176 -20.99 -2.93 -2.05
N GLU D 177 -22.09 -3.27 -2.74
CA GLU D 177 -23.33 -3.65 -2.02
C GLU D 177 -23.18 -4.96 -1.18
N THR D 178 -22.26 -5.83 -1.61
CA THR D 178 -21.95 -7.13 -1.01
C THR D 178 -20.75 -6.93 -0.11
N LEU D 179 -19.68 -6.46 -0.70
CA LEU D 179 -18.39 -6.50 -0.04
C LEU D 179 -18.16 -5.45 1.04
N GLN D 180 -18.85 -4.32 0.95
CA GLN D 180 -18.66 -3.28 1.96
C GLN D 180 -19.81 -3.23 2.93
N ARG D 181 -20.66 -4.25 2.92
CA ARG D 181 -21.76 -4.23 3.89
C ARG D 181 -21.24 -4.84 5.18
N THR D 182 -21.84 -4.48 6.30
CA THR D 182 -21.65 -5.28 7.51
C THR D 182 -23.04 -5.69 7.98
N ASP D 183 -23.25 -7.00 8.08
CA ASP D 183 -24.52 -7.55 8.52
C ASP D 183 -24.24 -8.00 9.95
N ALA D 184 -24.78 -7.30 10.93
CA ALA D 184 -24.63 -7.65 12.37
C ALA D 184 -25.31 -8.98 12.56
N PRO D 185 -24.77 -9.82 13.46
CA PRO D 185 -25.40 -11.10 13.80
C PRO D 185 -26.80 -10.95 14.41
N LYS D 186 -27.74 -11.82 14.01
CA LYS D 186 -29.02 -11.90 14.70
C LYS D 186 -28.76 -12.91 15.79
N THR D 187 -29.06 -12.58 17.03
CA THR D 187 -28.65 -13.49 18.12
C THR D 187 -29.85 -14.03 18.86
N HIS D 188 -29.76 -15.26 19.36
CA HIS D 188 -30.72 -15.75 20.34
C HIS D 188 -30.11 -16.87 21.14
N MET D 189 -30.78 -17.27 22.20
CA MET D 189 -30.33 -18.41 22.99
C MET D 189 -31.40 -19.50 22.96
N THR D 190 -30.96 -20.73 23.17
CA THR D 190 -31.90 -21.85 23.37
C THR D 190 -31.49 -22.57 24.66
N HIS D 191 -32.45 -23.24 25.28
CA HIS D 191 -32.22 -23.93 26.53
C HIS D 191 -32.78 -25.34 26.35
N HIS D 192 -32.03 -26.37 26.71
CA HIS D 192 -32.51 -27.76 26.55
C HIS D 192 -32.02 -28.58 27.72
N ALA D 193 -32.93 -29.29 28.38
CA ALA D 193 -32.56 -30.05 29.58
C ALA D 193 -31.70 -31.24 29.17
N VAL D 194 -30.63 -31.49 29.92
CA VAL D 194 -29.75 -32.64 29.70
C VAL D 194 -30.27 -33.79 30.57
N SER D 195 -30.64 -33.44 31.81
CA SER D 195 -31.18 -34.36 32.80
C SER D 195 -32.04 -33.52 33.75
N ASP D 196 -32.39 -34.10 34.92
CA ASP D 196 -33.05 -33.32 35.97
C ASP D 196 -32.15 -32.32 36.70
N HIS D 197 -30.83 -32.39 36.51
CA HIS D 197 -29.92 -31.48 37.26
C HIS D 197 -29.06 -30.50 36.43
N GLU D 198 -29.05 -30.66 35.11
CA GLU D 198 -28.40 -29.68 34.26
C GLU D 198 -29.08 -29.41 32.92
N ALA D 199 -28.69 -28.30 32.27
CA ALA D 199 -29.25 -27.98 30.98
C ALA D 199 -28.19 -27.38 30.09
N THR D 200 -28.36 -27.50 28.80
CA THR D 200 -27.48 -26.81 27.83
C THR D 200 -28.03 -25.45 27.47
N LEU D 201 -27.24 -24.40 27.68
CA LEU D 201 -27.57 -23.09 27.09
C LEU D 201 -26.69 -22.87 25.88
N ARG D 202 -27.30 -22.56 24.74
CA ARG D 202 -26.56 -22.33 23.50
C ARG D 202 -26.84 -20.92 23.01
N CYS D 203 -25.79 -20.17 22.68
CA CYS D 203 -25.90 -18.78 22.22
C CYS D 203 -25.59 -18.84 20.75
N TRP D 204 -26.46 -18.28 19.90
CA TRP D 204 -26.34 -18.33 18.45
C TRP D 204 -26.09 -16.96 17.83
N ALA D 205 -25.19 -16.91 16.86
CA ALA D 205 -25.04 -15.69 16.04
C ALA D 205 -25.28 -16.15 14.59
N LEU D 206 -26.26 -15.55 13.90
CA LEU D 206 -26.67 -15.97 12.59
C LEU D 206 -26.65 -14.82 11.64
N SER D 207 -26.49 -15.14 10.37
CA SER D 207 -26.67 -14.16 9.27
C SER D 207 -25.72 -12.97 9.32
N PHE D 208 -24.48 -13.23 9.74
CA PHE D 208 -23.52 -12.13 9.84
C PHE D 208 -22.50 -12.10 8.73
N TYR D 209 -21.95 -10.90 8.49
CA TYR D 209 -20.93 -10.73 7.47
C TYR D 209 -20.16 -9.48 7.91
N PRO D 210 -18.80 -9.52 7.93
CA PRO D 210 -17.91 -10.57 7.50
C PRO D 210 -17.86 -11.65 8.55
N ALA D 211 -17.05 -12.64 8.30
CA ALA D 211 -17.03 -13.84 9.14
C ALA D 211 -16.43 -13.63 10.52
N GLU D 212 -15.54 -12.65 10.67
CA GLU D 212 -14.87 -12.38 11.95
C GLU D 212 -15.88 -12.04 13.05
N ILE D 213 -15.84 -12.82 14.14
CA ILE D 213 -16.74 -12.65 15.25
C ILE D 213 -16.09 -13.19 16.53
N THR D 214 -16.43 -12.60 17.67
CA THR D 214 -16.03 -13.21 18.93
C THR D 214 -17.30 -13.56 19.70
N LEU D 215 -17.38 -14.81 20.15
CA LEU D 215 -18.59 -15.27 20.81
C LEU D 215 -18.18 -16.09 22.03
N THR D 216 -18.62 -15.71 23.21
CA THR D 216 -18.09 -16.36 24.43
C THR D 216 -19.22 -16.46 25.46
N TRP D 217 -19.08 -17.43 26.37
CA TRP D 217 -19.89 -17.48 27.57
C TRP D 217 -19.05 -17.09 28.76
N GLN D 218 -19.68 -16.42 29.72
CA GLN D 218 -19.08 -16.12 31.02
C GLN D 218 -19.98 -16.59 32.13
N ARG D 219 -19.40 -16.90 33.31
CA ARG D 219 -20.20 -17.24 34.48
C ARG D 219 -19.80 -16.23 35.58
N ASP D 220 -20.78 -15.46 36.05
CA ASP D 220 -20.45 -14.32 36.99
C ASP D 220 -19.43 -13.36 36.35
N GLY D 221 -19.47 -13.22 35.03
CA GLY D 221 -18.56 -12.35 34.29
C GLY D 221 -17.13 -12.88 34.17
N GLU D 222 -16.92 -14.14 34.56
CA GLU D 222 -15.60 -14.79 34.49
C GLU D 222 -15.50 -15.78 33.33
N ASP D 223 -14.26 -16.05 32.98
CA ASP D 223 -13.85 -16.90 31.87
C ASP D 223 -14.47 -18.29 31.96
N GLN D 224 -15.02 -18.76 30.85
CA GLN D 224 -15.57 -20.14 30.77
C GLN D 224 -14.99 -20.89 29.55
N THR D 225 -13.82 -20.48 29.07
CA THR D 225 -13.28 -21.01 27.79
C THR D 225 -13.17 -22.54 27.79
N GLN D 226 -12.69 -23.10 28.90
CA GLN D 226 -12.49 -24.53 28.94
C GLN D 226 -13.78 -25.28 29.11
N ASP D 227 -14.83 -24.58 29.53
CA ASP D 227 -16.13 -25.21 29.68
C ASP D 227 -17.16 -24.90 28.56
N THR D 228 -16.69 -24.25 27.49
CA THR D 228 -17.60 -23.80 26.46
C THR D 228 -17.34 -24.64 25.22
N GLU D 229 -18.39 -25.19 24.63
CA GLU D 229 -18.18 -25.84 23.36
C GLU D 229 -18.40 -24.75 22.32
N LEU D 230 -17.39 -24.48 21.51
CA LEU D 230 -17.47 -23.36 20.53
C LEU D 230 -17.21 -23.95 19.16
N VAL D 231 -18.17 -23.87 18.23
CA VAL D 231 -17.92 -24.44 16.92
C VAL D 231 -17.23 -23.47 16.03
N GLU D 232 -16.56 -24.00 15.03
CA GLU D 232 -15.95 -23.18 13.99
CA GLU D 232 -15.94 -23.13 14.03
C GLU D 232 -17.01 -22.33 13.27
N THR D 233 -16.72 -21.05 13.02
CA THR D 233 -17.56 -20.21 12.17
C THR D 233 -17.79 -20.92 10.83
N ARG D 234 -19.03 -20.94 10.41
CA ARG D 234 -19.40 -21.78 9.26
C ARG D 234 -20.27 -21.00 8.26
N PRO D 235 -20.12 -21.27 6.97
CA PRO D 235 -20.89 -20.52 5.96
C PRO D 235 -22.35 -20.96 5.93
N ALA D 236 -23.29 -20.02 5.87
CA ALA D 236 -24.67 -20.40 5.63
C ALA D 236 -25.03 -20.88 4.23
N GLY D 237 -24.20 -20.46 3.26
CA GLY D 237 -24.34 -20.79 1.84
C GLY D 237 -24.86 -19.59 1.05
N ASP D 238 -25.32 -18.55 1.75
CA ASP D 238 -25.95 -17.41 1.05
C ASP D 238 -25.06 -16.17 1.18
N GLY D 239 -23.82 -16.41 1.56
CA GLY D 239 -22.86 -15.34 1.71
C GLY D 239 -22.75 -14.80 3.11
N THR D 240 -23.54 -15.35 4.05
CA THR D 240 -23.43 -14.98 5.47
C THR D 240 -22.87 -16.13 6.30
N PHE D 241 -22.59 -15.86 7.57
CA PHE D 241 -21.94 -16.86 8.41
C PHE D 241 -22.73 -17.10 9.67
N GLN D 242 -22.43 -18.25 10.33
CA GLN D 242 -23.08 -18.67 11.59
C GLN D 242 -22.05 -19.10 12.59
N LYS D 243 -22.40 -19.03 13.88
CA LYS D 243 -21.52 -19.59 14.93
C LYS D 243 -22.40 -19.82 16.14
N TRP D 244 -22.05 -20.80 16.94
CA TRP D 244 -22.69 -20.93 18.26
C TRP D 244 -21.70 -21.35 19.31
N ALA D 245 -22.09 -21.12 20.57
CA ALA D 245 -21.27 -21.49 21.73
C ALA D 245 -22.22 -22.05 22.77
N ALA D 246 -21.82 -23.10 23.46
CA ALA D 246 -22.72 -23.66 24.44
C ALA D 246 -22.03 -24.00 25.72
N VAL D 247 -22.80 -23.92 26.81
CA VAL D 247 -22.31 -24.33 28.14
C VAL D 247 -23.36 -25.19 28.79
N VAL D 248 -22.90 -26.08 29.68
CA VAL D 248 -23.81 -26.92 30.46
C VAL D 248 -23.94 -26.28 31.84
N VAL D 249 -25.17 -25.91 32.17
CA VAL D 249 -25.54 -25.10 33.33
C VAL D 249 -26.19 -25.98 34.36
N PRO D 250 -25.70 -25.95 35.61
CA PRO D 250 -26.41 -26.70 36.65
C PRO D 250 -27.74 -26.07 37.02
N SER D 251 -28.58 -26.89 37.66
CA SER D 251 -29.92 -26.51 38.17
C SER D 251 -29.99 -25.17 38.82
N GLY D 252 -30.76 -24.28 38.18
CA GLY D 252 -31.07 -22.99 38.81
C GLY D 252 -29.98 -21.95 38.68
N GLN D 253 -28.96 -22.21 37.83
CA GLN D 253 -27.87 -21.27 37.69
C GLN D 253 -27.85 -20.50 36.39
N GLU D 254 -28.95 -20.60 35.63
CA GLU D 254 -29.00 -19.94 34.29
C GLU D 254 -28.67 -18.46 34.37
N GLN D 255 -29.17 -17.80 35.40
CA GLN D 255 -28.93 -16.36 35.53
C GLN D 255 -27.47 -15.97 35.79
N ARG D 256 -26.59 -16.92 36.15
CA ARG D 256 -25.18 -16.54 36.34
C ARG D 256 -24.42 -16.42 35.02
N TYR D 257 -24.99 -16.92 33.94
CA TYR D 257 -24.26 -17.03 32.68
C TYR D 257 -24.64 -15.92 31.70
N THR D 258 -23.62 -15.39 31.04
CA THR D 258 -23.86 -14.41 30.01
C THR D 258 -23.14 -14.75 28.72
N CYS D 259 -23.78 -14.44 27.61
CA CYS D 259 -23.17 -14.71 26.28
C CYS D 259 -22.76 -13.39 25.75
N HIS D 260 -21.54 -13.29 25.21
CA HIS D 260 -21.00 -12.04 24.72
C HIS D 260 -20.66 -12.11 23.29
N VAL D 261 -21.05 -11.06 22.55
CA VAL D 261 -20.90 -11.09 21.08
C VAL D 261 -20.22 -9.86 20.61
N GLN D 262 -19.15 -10.02 19.82
CA GLN D 262 -18.48 -8.88 19.25
C GLN D 262 -18.41 -9.07 17.76
N HIS D 263 -18.69 -8.01 17.04
CA HIS D 263 -18.75 -8.08 15.58
C HIS D 263 -18.71 -6.66 15.05
N GLU D 264 -18.14 -6.48 13.87
CA GLU D 264 -18.02 -5.14 13.27
C GLU D 264 -19.38 -4.46 13.05
N GLY D 265 -20.43 -5.25 12.82
CA GLY D 265 -21.79 -4.76 12.69
C GLY D 265 -22.47 -4.27 13.94
N LEU D 266 -21.89 -4.56 15.10
CA LEU D 266 -22.39 -4.17 16.41
C LEU D 266 -21.62 -2.99 17.03
N PRO D 267 -22.26 -1.82 17.08
CA PRO D 267 -21.72 -0.58 17.63
C PRO D 267 -21.19 -0.71 19.05
N LYS D 268 -21.85 -1.53 19.87
CA LYS D 268 -21.29 -1.99 21.13
C LYS D 268 -21.43 -3.51 21.19
N PRO D 269 -20.48 -4.16 21.87
CA PRO D 269 -20.67 -5.60 22.09
C PRO D 269 -21.99 -5.97 22.82
N LEU D 270 -22.55 -7.15 22.50
CA LEU D 270 -23.80 -7.57 23.09
C LEU D 270 -23.51 -8.44 24.26
N THR D 271 -24.37 -8.35 25.28
CA THR D 271 -24.31 -9.25 26.40
C THR D 271 -25.70 -9.77 26.58
N LEU D 272 -25.87 -11.10 26.47
CA LEU D 272 -27.16 -11.70 26.60
C LEU D 272 -27.26 -12.59 27.84
N ARG D 273 -28.43 -12.68 28.42
CA ARG D 273 -28.56 -13.51 29.61
C ARG D 273 -29.89 -14.22 29.50
N TRP D 274 -29.92 -15.51 29.83
CA TRP D 274 -31.19 -16.23 29.82
C TRP D 274 -31.97 -15.76 31.04
N GLU D 275 -33.11 -15.12 30.82
CA GLU D 275 -33.98 -14.65 31.93
C GLU D 275 -35.41 -14.42 31.44
N MET E 1 2.99 -39.44 5.26
CA MET E 1 2.67 -38.00 5.07
C MET E 1 1.49 -37.58 5.92
N ILE E 2 1.34 -36.27 6.00
CA ILE E 2 0.34 -35.64 6.84
C ILE E 2 -1.05 -36.10 6.46
N GLN E 3 -1.80 -36.47 7.49
CA GLN E 3 -3.21 -36.81 7.32
C GLN E 3 -3.99 -36.15 8.46
N ARG E 4 -4.96 -35.31 8.13
CA ARG E 4 -5.73 -34.62 9.16
C ARG E 4 -7.22 -34.96 8.96
N THR E 5 -7.88 -35.22 10.09
CA THR E 5 -9.26 -35.68 10.09
C THR E 5 -10.25 -34.53 9.81
N PRO E 6 -11.24 -34.77 8.98
CA PRO E 6 -12.29 -33.71 8.82
C PRO E 6 -13.12 -33.44 10.06
N LYS E 7 -13.36 -32.17 10.36
CA LYS E 7 -14.37 -31.74 11.31
C LYS E 7 -15.65 -31.64 10.48
N ILE E 8 -16.79 -31.96 11.09
CA ILE E 8 -18.00 -32.03 10.28
C ILE E 8 -19.08 -31.27 11.04
N GLN E 9 -19.80 -30.37 10.34
CA GLN E 9 -21.00 -29.74 10.95
C GLN E 9 -22.14 -29.89 9.95
N VAL E 10 -23.31 -30.32 10.41
CA VAL E 10 -24.47 -30.46 9.56
C VAL E 10 -25.52 -29.56 10.11
N TYR E 11 -26.10 -28.71 9.25
CA TYR E 11 -26.99 -27.66 9.75
C TYR E 11 -27.78 -27.03 8.62
N SER E 12 -28.85 -26.36 8.94
CA SER E 12 -29.61 -25.66 7.93
C SER E 12 -29.16 -24.21 7.75
N ARG E 13 -29.36 -23.67 6.54
CA ARG E 13 -29.07 -22.27 6.28
C ARG E 13 -29.92 -21.35 7.13
N HIS E 14 -31.24 -21.60 7.21
CA HIS E 14 -32.14 -20.76 8.00
C HIS E 14 -32.61 -21.63 9.14
N PRO E 15 -33.08 -21.01 10.24
CA PRO E 15 -33.73 -21.86 11.27
C PRO E 15 -34.84 -22.74 10.68
N ALA E 16 -34.87 -24.00 11.11
CA ALA E 16 -35.75 -24.97 10.49
C ALA E 16 -37.19 -24.70 10.91
N GLU E 17 -38.06 -24.64 9.92
CA GLU E 17 -39.47 -24.37 10.18
C GLU E 17 -40.14 -25.42 9.32
N ASN E 18 -40.92 -26.30 9.92
CA ASN E 18 -41.52 -27.39 9.15
C ASN E 18 -42.41 -26.87 8.02
N GLY E 19 -42.21 -27.44 6.84
CA GLY E 19 -42.96 -27.08 5.67
C GLY E 19 -42.41 -25.92 4.88
N LYS E 20 -41.32 -25.31 5.37
CA LYS E 20 -40.74 -24.15 4.67
C LYS E 20 -39.40 -24.51 4.00
N SER E 21 -39.20 -24.08 2.73
CA SER E 21 -37.98 -24.49 2.03
C SER E 21 -36.75 -23.86 2.64
N ASN E 22 -35.65 -24.57 2.50
CA ASN E 22 -34.43 -24.21 3.23
C ASN E 22 -33.29 -24.88 2.49
N PHE E 23 -32.08 -24.83 3.06
CA PHE E 23 -30.94 -25.58 2.55
C PHE E 23 -30.30 -26.34 3.66
N LEU E 24 -29.96 -27.62 3.39
CA LEU E 24 -29.26 -28.46 4.33
C LEU E 24 -27.81 -28.45 3.96
N ASN E 25 -26.93 -28.07 4.92
CA ASN E 25 -25.46 -27.94 4.70
C ASN E 25 -24.71 -28.98 5.44
N CYS E 26 -23.58 -29.42 4.88
CA CYS E 26 -22.59 -30.24 5.56
C CYS E 26 -21.27 -29.55 5.28
N TYR E 27 -20.70 -28.97 6.33
CA TYR E 27 -19.44 -28.24 6.21
C TYR E 27 -18.34 -29.14 6.78
N VAL E 28 -17.36 -29.44 5.93
CA VAL E 28 -16.24 -30.32 6.33
C VAL E 28 -14.99 -29.49 6.22
N SER E 29 -14.18 -29.50 7.27
CA SER E 29 -13.02 -28.64 7.27
C SER E 29 -11.88 -29.26 8.03
N GLY E 30 -10.72 -28.61 7.95
CA GLY E 30 -9.59 -29.18 8.73
C GLY E 30 -8.96 -30.46 8.22
N PHE E 31 -9.24 -30.86 6.96
CA PHE E 31 -8.78 -32.20 6.51
C PHE E 31 -7.62 -32.17 5.51
N HIS E 32 -6.89 -33.27 5.45
CA HIS E 32 -5.80 -33.41 4.49
C HIS E 32 -5.51 -34.91 4.39
N PRO E 33 -5.29 -35.45 3.18
CA PRO E 33 -5.34 -34.84 1.82
C PRO E 33 -6.76 -34.48 1.35
N SER E 34 -6.88 -33.91 0.15
CA SER E 34 -8.15 -33.34 -0.28
C SER E 34 -9.21 -34.36 -0.75
N ASP E 35 -8.82 -35.61 -1.01
CA ASP E 35 -9.77 -36.63 -1.48
C ASP E 35 -10.72 -36.94 -0.35
N ILE E 36 -12.01 -36.77 -0.58
CA ILE E 36 -13.00 -36.96 0.51
C ILE E 36 -14.35 -37.24 -0.11
N GLU E 37 -15.18 -38.02 0.58
CA GLU E 37 -16.53 -38.37 0.08
C GLU E 37 -17.49 -37.81 1.09
N VAL E 38 -18.45 -37.03 0.62
CA VAL E 38 -19.40 -36.38 1.52
C VAL E 38 -20.80 -36.57 0.94
N ASP E 39 -21.68 -37.18 1.71
CA ASP E 39 -23.08 -37.33 1.24
C ASP E 39 -24.06 -36.80 2.27
N LEU E 40 -25.16 -36.24 1.82
CA LEU E 40 -26.26 -35.85 2.71
C LEU E 40 -27.30 -36.98 2.58
N LEU E 41 -27.87 -37.42 3.72
CA LEU E 41 -28.83 -38.53 3.74
C LEU E 41 -30.18 -38.05 4.23
N LYS E 42 -31.26 -38.56 3.64
CA LYS E 42 -32.63 -38.30 4.10
C LYS E 42 -33.23 -39.63 4.46
N ASN E 43 -33.50 -39.83 5.77
CA ASN E 43 -34.05 -41.11 6.24
C ASN E 43 -33.21 -42.26 5.76
N GLY E 44 -31.89 -42.05 5.77
CA GLY E 44 -30.91 -43.08 5.44
C GLY E 44 -30.59 -43.21 3.94
N GLU E 45 -31.27 -42.41 3.12
CA GLU E 45 -31.11 -42.50 1.64
C GLU E 45 -30.25 -41.35 1.14
N ARG E 46 -29.23 -41.69 0.36
CA ARG E 46 -28.30 -40.67 -0.12
C ARG E 46 -29.05 -39.74 -1.06
N ILE E 47 -28.92 -38.45 -0.85
CA ILE E 47 -29.68 -37.45 -1.62
C ILE E 47 -28.85 -37.19 -2.89
N GLU E 48 -29.53 -37.18 -4.03
CA GLU E 48 -28.80 -37.03 -5.29
CA GLU E 48 -28.86 -37.00 -5.32
C GLU E 48 -28.43 -35.59 -5.64
N LYS E 49 -29.30 -34.64 -5.37
CA LYS E 49 -29.01 -33.30 -5.88
C LYS E 49 -28.25 -32.54 -4.81
N VAL E 50 -26.97 -32.88 -4.65
CA VAL E 50 -26.11 -32.18 -3.69
C VAL E 50 -24.94 -31.52 -4.41
N GLU E 51 -24.78 -30.22 -4.20
CA GLU E 51 -23.69 -29.48 -4.79
C GLU E 51 -22.64 -29.17 -3.73
N HIS E 52 -21.47 -28.77 -4.17
CA HIS E 52 -20.45 -28.37 -3.21
C HIS E 52 -19.68 -27.17 -3.70
N SER E 53 -19.09 -26.47 -2.72
CA SER E 53 -18.21 -25.36 -3.01
C SER E 53 -16.89 -25.82 -3.65
N ASP E 54 -16.20 -24.87 -4.27
CA ASP E 54 -14.91 -25.17 -4.87
C ASP E 54 -13.84 -25.34 -3.82
N LEU E 55 -12.95 -26.33 -4.02
CA LEU E 55 -11.96 -26.68 -2.98
C LEU E 55 -11.07 -25.51 -2.60
N SER E 56 -11.00 -25.20 -1.28
CA SER E 56 -10.17 -24.13 -0.80
C SER E 56 -9.53 -24.62 0.49
N PHE E 57 -8.71 -23.76 1.09
CA PHE E 57 -8.01 -24.19 2.29
C PHE E 57 -7.70 -23.02 3.19
N SER E 58 -7.41 -23.41 4.42
CA SER E 58 -7.17 -22.47 5.52
C SER E 58 -5.73 -22.07 5.64
N LYS E 59 -5.47 -21.16 6.58
CA LYS E 59 -4.11 -20.69 6.89
C LYS E 59 -3.12 -21.82 7.14
N ASP E 60 -3.55 -22.86 7.85
CA ASP E 60 -2.70 -24.03 8.12
C ASP E 60 -2.64 -25.11 7.03
N TRP E 61 -3.16 -24.78 5.84
CA TRP E 61 -3.22 -25.69 4.64
C TRP E 61 -4.33 -26.70 4.66
N SER E 62 -5.08 -26.81 5.76
CA SER E 62 -6.10 -27.86 5.76
C SER E 62 -7.29 -27.44 4.90
N PHE E 63 -7.91 -28.40 4.23
CA PHE E 63 -8.95 -28.07 3.25
C PHE E 63 -10.30 -27.82 3.89
N TYR E 64 -11.18 -27.08 3.21
CA TYR E 64 -12.60 -27.10 3.62
C TYR E 64 -13.54 -27.06 2.40
N LEU E 65 -14.75 -27.60 2.59
CA LEU E 65 -15.81 -27.69 1.56
C LEU E 65 -17.15 -27.57 2.22
N LEU E 66 -18.07 -26.92 1.52
CA LEU E 66 -19.45 -26.85 1.94
C LEU E 66 -20.26 -27.68 0.94
N TYR E 67 -20.98 -28.72 1.40
CA TYR E 67 -21.90 -29.50 0.61
C TYR E 67 -23.29 -29.07 0.93
N TYR E 68 -24.16 -28.94 -0.05
CA TYR E 68 -25.47 -28.37 0.25
C TYR E 68 -26.56 -28.83 -0.70
N THR E 69 -27.79 -28.83 -0.19
CA THR E 69 -28.95 -29.20 -1.01
C THR E 69 -30.20 -28.49 -0.55
N GLU E 70 -31.12 -28.22 -1.47
CA GLU E 70 -32.41 -27.64 -1.11
C GLU E 70 -33.18 -28.69 -0.31
N PHE E 71 -33.90 -28.28 0.74
CA PHE E 71 -34.78 -29.23 1.43
C PHE E 71 -35.89 -28.52 2.13
N THR E 72 -36.97 -29.26 2.40
CA THR E 72 -38.06 -28.69 3.18
C THR E 72 -38.27 -29.62 4.40
N PRO E 73 -37.87 -29.15 5.61
CA PRO E 73 -37.92 -30.02 6.79
C PRO E 73 -39.35 -30.29 7.19
N THR E 74 -39.56 -31.46 7.79
CA THR E 74 -40.85 -31.85 8.35
C THR E 74 -40.58 -32.32 9.78
N GLU E 75 -41.62 -32.65 10.54
CA GLU E 75 -41.38 -33.07 11.91
C GLU E 75 -40.66 -34.42 11.99
N LYS E 76 -41.01 -35.31 11.10
CA LYS E 76 -40.51 -36.67 11.15
C LYS E 76 -39.34 -37.06 10.24
N ASP E 77 -39.04 -36.28 9.19
CA ASP E 77 -37.88 -36.65 8.36
C ASP E 77 -36.57 -36.40 9.06
N GLU E 78 -35.68 -37.38 9.04
CA GLU E 78 -34.39 -37.26 9.69
C GLU E 78 -33.33 -37.01 8.63
N TYR E 79 -32.33 -36.18 8.91
CA TYR E 79 -31.27 -35.90 7.92
C TYR E 79 -29.91 -36.17 8.54
N ALA E 80 -28.89 -36.45 7.72
CA ALA E 80 -27.57 -36.69 8.27
C ALA E 80 -26.52 -36.37 7.22
N CYS E 81 -25.27 -36.28 7.64
CA CYS E 81 -24.19 -36.12 6.70
C CYS E 81 -23.25 -37.26 6.94
N ARG E 82 -22.76 -37.90 5.86
CA ARG E 82 -21.84 -39.00 6.02
C ARG E 82 -20.55 -38.69 5.30
N VAL E 83 -19.42 -38.90 5.98
CA VAL E 83 -18.13 -38.53 5.44
C VAL E 83 -17.18 -39.73 5.42
N ASN E 84 -16.48 -39.95 4.30
CA ASN E 84 -15.34 -40.86 4.38
CA ASN E 84 -15.40 -40.93 4.20
C ASN E 84 -14.09 -40.20 3.88
N HIS E 85 -12.98 -40.64 4.49
CA HIS E 85 -11.69 -39.99 4.29
C HIS E 85 -10.64 -40.99 4.75
N VAL E 86 -9.36 -40.83 4.33
CA VAL E 86 -8.32 -41.82 4.69
C VAL E 86 -8.16 -41.90 6.21
N THR E 87 -8.46 -40.82 6.90
CA THR E 87 -8.28 -40.75 8.37
C THR E 87 -9.36 -41.47 9.16
N LEU E 88 -10.48 -41.83 8.52
CA LEU E 88 -11.60 -42.51 9.17
C LEU E 88 -11.65 -44.00 8.84
N SER E 89 -11.61 -44.84 9.86
CA SER E 89 -11.65 -46.28 9.63
C SER E 89 -13.04 -46.75 9.23
N GLN E 90 -14.07 -45.99 9.65
CA GLN E 90 -15.49 -46.25 9.33
C GLN E 90 -16.09 -44.96 8.76
N PRO E 91 -17.13 -45.04 7.91
CA PRO E 91 -17.78 -43.78 7.56
C PRO E 91 -18.28 -43.05 8.80
N LYS E 92 -18.11 -41.73 8.85
CA LYS E 92 -18.55 -40.98 10.01
C LYS E 92 -19.90 -40.37 9.67
N ILE E 93 -20.92 -40.66 10.46
CA ILE E 93 -22.27 -40.14 10.19
C ILE E 93 -22.66 -39.21 11.30
N VAL E 94 -22.99 -37.97 10.93
CA VAL E 94 -23.38 -36.98 11.89
C VAL E 94 -24.85 -36.63 11.61
N LYS E 95 -25.71 -36.86 12.58
CA LYS E 95 -27.15 -36.58 12.39
C LYS E 95 -27.44 -35.10 12.49
N TRP E 96 -28.40 -34.61 11.70
CA TRP E 96 -28.82 -33.20 11.77
C TRP E 96 -29.67 -33.01 13.01
N ASP E 97 -29.37 -32.00 13.85
CA ASP E 97 -30.18 -31.72 15.04
C ASP E 97 -30.55 -30.26 14.80
N ARG E 98 -31.82 -29.93 14.72
CA ARG E 98 -32.15 -28.57 14.28
C ARG E 98 -31.64 -27.41 15.23
N ASP E 99 -31.17 -27.78 16.43
CA ASP E 99 -30.63 -26.85 17.42
CA ASP E 99 -30.62 -26.76 17.33
C ASP E 99 -29.11 -26.84 17.45
N MET E 100 -28.48 -27.24 16.36
CA MET E 100 -27.02 -27.33 16.27
C MET E 100 -26.51 -26.89 14.88
N LEU F 1 -7.22 -9.93 -9.36
CA LEU F 1 -6.38 -10.18 -10.56
C LEU F 1 -5.18 -11.03 -10.20
N LEU F 2 -4.97 -12.10 -10.95
CA LEU F 2 -3.84 -13.00 -10.71
C LEU F 2 -2.52 -12.35 -11.01
N TYR F 3 -1.44 -12.84 -10.41
N TYR F 3 -1.48 -12.92 -10.39
CA TYR F 3 -0.17 -12.36 -10.91
CA TYR F 3 -0.09 -12.61 -10.69
C TYR F 3 0.20 -13.11 -12.18
C TYR F 3 0.25 -13.26 -12.03
N GLY F 4 1.07 -12.51 -12.96
N GLY F 4 0.99 -12.56 -12.89
CA GLY F 4 1.20 -12.98 -14.30
C GLY F 4 2.49 -13.72 -14.57
N PHE F 5 3.41 -13.65 -13.61
CA PHE F 5 4.73 -14.26 -13.84
C PHE F 5 4.73 -15.71 -13.34
N VAL F 6 5.60 -16.53 -13.88
CA VAL F 6 5.57 -17.95 -13.47
C VAL F 6 6.84 -18.26 -12.71
N ASN F 7 6.78 -19.15 -11.73
CA ASN F 7 7.99 -19.60 -11.08
C ASN F 7 7.87 -21.10 -10.84
N TYR F 8 8.97 -21.82 -10.91
CA TYR F 8 8.94 -23.25 -10.64
C TYR F 8 9.75 -23.45 -9.39
N VAL F 9 9.31 -24.37 -8.52
CA VAL F 9 10.16 -24.76 -7.40
C VAL F 9 11.46 -25.50 -7.80
C1 GOL G . 12.68 15.39 -5.18
O1 GOL G . 14.02 15.00 -5.43
C2 GOL G . 12.63 16.37 -4.02
O2 GOL G . 13.57 17.39 -4.24
C3 GOL G . 11.25 16.99 -3.99
O3 GOL G . 10.94 17.42 -2.70
C1 GOL H . 14.06 44.05 -13.45
O1 GOL H . 12.69 44.13 -13.78
C2 GOL H . 14.84 45.34 -13.36
O2 GOL H . 14.05 46.49 -13.48
C3 GOL H . 15.70 45.38 -12.11
O3 GOL H . 16.86 46.09 -12.45
C1 GOL I . -12.44 -16.81 3.87
O1 GOL I . -13.15 -18.02 3.76
C2 GOL I . -10.97 -16.99 3.52
O2 GOL I . -10.89 -17.56 2.22
C3 GOL I . -10.23 -15.66 3.59
O3 GOL I . -9.10 -15.66 2.73
C1 GOL J . -29.08 -22.65 12.03
O1 GOL J . -28.54 -23.84 11.44
C2 GOL J . -30.40 -22.78 12.84
O2 GOL J . -30.55 -24.09 13.35
C3 GOL J . -30.37 -21.89 14.08
O3 GOL J . -31.65 -21.50 14.55
#